data_2D1C
#
_entry.id   2D1C
#
_cell.length_a   73.022
_cell.length_b   95.184
_cell.length_c   72.989
_cell.angle_alpha   90.00
_cell.angle_beta   92.07
_cell.angle_gamma   90.00
#
_symmetry.space_group_name_H-M   'P 1 21 1'
#
loop_
_entity.id
_entity.type
_entity.pdbx_description
1 polymer 'Isocitrate dehydrogenase'
2 non-polymer 'NADP NICOTINAMIDE-ADENINE-DINUCLEOTIDE PHOSPHATE'
3 non-polymer 'CITRIC ACID'
4 water water
#
_entity_poly.entity_id   1
_entity_poly.type   'polypeptide(L)'
_entity_poly.pdbx_seq_one_letter_code
;MPLITTETGKKMHVLEDGRKLITVIPGDGIGPECVEATLKVLEAAKAPLAYEVREAGASVFRRGIASGVPQETIESIRKT
RVVLKGPLETPVGYGEKSANVTLRKLFETYANVRPVREFPNVPTPYAGRGIDLVVVRENVEDLYAGIEHMQTPSVAQTLK
LISWKGSEKIVRFAFELARAEGRKKVHCATKSNIMKLAEGTLKRAFEQVAQEYPDIEAVHIIVDNAAHQLVKRPEQFEVI
VTTNMNGDILSDLTSGLIGGLGFAPSANIGNEVAIFEAVHGSAPKYAGKNVINPTAVLLSAVMMLRYLEEFATADLIENA
LLYTLEEGRVLTGDVVGYDRGAKTTEYTEAIIQNLGKTPRKTQVRGYKPFRLPQVDGAIAPIVPRSRRVVGVDVFVETNL
LPEALGKALEDLAAGTPFRLKMISNRGTQVYPPTGGLTDLVDHYRCRFLYTGEGEAKDPEILDLVSRVASRFRWMHLEKL
QEFDGEPGFTKAQGED
;
_entity_poly.pdbx_strand_id   A,B
#
loop_
_chem_comp.id
_chem_comp.type
_chem_comp.name
_chem_comp.formula
CIT non-polymer 'CITRIC ACID' 'C6 H8 O7'
NAP non-polymer 'NADP NICOTINAMIDE-ADENINE-DINUCLEOTIDE PHOSPHATE' 'C21 H28 N7 O17 P3'
#
# COMPACT_ATOMS: atom_id res chain seq x y z
N PRO A 2 28.12 32.05 2.90
CA PRO A 2 28.49 30.74 3.42
C PRO A 2 27.27 30.01 3.99
N LEU A 3 27.47 28.71 4.28
CA LEU A 3 26.37 27.93 4.85
C LEU A 3 26.31 28.07 6.37
N ILE A 4 25.19 28.35 7.01
CA ILE A 4 25.18 28.52 8.46
C ILE A 4 24.14 27.62 9.11
N THR A 5 24.28 27.43 10.42
CA THR A 5 23.35 26.62 11.18
C THR A 5 22.61 27.57 12.11
N THR A 6 21.28 27.66 11.97
CA THR A 6 20.48 28.53 12.81
C THR A 6 20.36 27.93 14.20
N GLU A 7 19.84 28.72 15.14
CA GLU A 7 19.68 28.25 16.51
C GLU A 7 18.69 27.09 16.58
N THR A 8 17.81 27.01 15.59
CA THR A 8 16.82 25.95 15.53
C THR A 8 17.48 24.68 14.99
N GLY A 9 18.72 24.82 14.56
CA GLY A 9 19.46 23.68 14.03
C GLY A 9 19.39 23.53 12.53
N LYS A 10 18.61 24.38 11.87
CA LYS A 10 18.46 24.31 10.42
C LYS A 10 19.67 24.87 9.68
N LYS A 11 19.99 24.26 8.55
CA LYS A 11 21.10 24.69 7.72
C LYS A 11 20.57 25.52 6.57
N MET A 12 21.20 26.65 6.31
CA MET A 12 20.81 27.51 5.19
C MET A 12 21.98 28.36 4.72
N HIS A 13 22.01 28.62 3.42
CA HIS A 13 23.08 29.40 2.81
C HIS A 13 22.74 30.89 2.77
N VAL A 14 23.32 31.65 3.68
CA VAL A 14 23.07 33.08 3.74
C VAL A 14 24.17 33.83 3.03
N LEU A 15 23.80 34.61 2.00
CA LEU A 15 24.77 35.38 1.25
C LEU A 15 25.17 36.64 2.02
N GLU A 16 26.33 37.18 1.69
CA GLU A 16 26.83 38.38 2.35
C GLU A 16 25.79 39.49 2.41
N ASP A 17 25.01 39.65 1.33
CA ASP A 17 23.98 40.67 1.29
C ASP A 17 22.77 40.29 2.13
N GLY A 18 22.87 39.19 2.86
CA GLY A 18 21.77 38.75 3.71
C GLY A 18 20.75 37.84 3.05
N ARG A 19 20.75 37.78 1.73
CA ARG A 19 19.79 36.92 1.03
C ARG A 19 20.12 35.45 1.25
N LYS A 20 19.10 34.60 1.16
CA LYS A 20 19.30 33.18 1.32
C LYS A 20 19.23 32.46 -0.02
N LEU A 21 20.31 31.77 -0.35
CA LEU A 21 20.43 31.04 -1.61
C LEU A 21 19.73 29.68 -1.54
N ILE A 22 18.84 29.42 -2.48
CA ILE A 22 18.14 28.15 -2.53
C ILE A 22 18.33 27.53 -3.90
N THR A 23 18.12 26.23 -3.99
CA THR A 23 18.22 25.53 -5.26
C THR A 23 16.81 25.47 -5.77
N VAL A 24 16.62 25.76 -7.06
CA VAL A 24 15.30 25.72 -7.65
C VAL A 24 15.30 24.73 -8.81
N ILE A 25 14.32 23.84 -8.79
CA ILE A 25 14.19 22.81 -9.82
C ILE A 25 12.84 22.97 -10.54
N PRO A 26 12.87 23.46 -11.79
CA PRO A 26 11.67 23.66 -12.61
C PRO A 26 10.82 22.41 -12.77
N GLY A 27 11.46 21.29 -13.03
CA GLY A 27 10.74 20.04 -13.18
C GLY A 27 10.21 19.77 -14.57
N ASP A 28 9.23 18.86 -14.63
CA ASP A 28 8.63 18.44 -15.89
C ASP A 28 7.14 18.79 -16.01
N GLY A 29 6.62 18.69 -17.22
CA GLY A 29 5.21 18.98 -17.46
C GLY A 29 4.80 20.35 -16.99
N ILE A 30 3.78 20.39 -16.13
CA ILE A 30 3.28 21.66 -15.58
C ILE A 30 4.30 22.28 -14.63
N GLY A 31 5.26 21.46 -14.21
CA GLY A 31 6.29 21.93 -13.29
C GLY A 31 6.78 23.34 -13.52
N PRO A 32 7.43 23.61 -14.67
CA PRO A 32 7.96 24.93 -15.00
C PRO A 32 6.93 26.06 -14.87
N GLU A 33 5.71 25.83 -15.32
CA GLU A 33 4.65 26.83 -15.22
C GLU A 33 4.37 27.18 -13.77
N CYS A 34 4.21 26.15 -12.94
CA CYS A 34 3.92 26.33 -11.52
C CYS A 34 5.08 27.00 -10.79
N VAL A 35 6.31 26.65 -11.17
CA VAL A 35 7.51 27.21 -10.56
C VAL A 35 7.72 28.64 -11.05
N GLU A 36 7.45 28.86 -12.34
CA GLU A 36 7.62 30.18 -12.92
C GLU A 36 6.69 31.15 -12.21
N ALA A 37 5.44 30.74 -12.03
CA ALA A 37 4.44 31.58 -11.37
C ALA A 37 4.92 31.91 -9.96
N THR A 38 5.32 30.88 -9.23
CA THR A 38 5.79 31.04 -7.87
C THR A 38 6.96 32.01 -7.74
N LEU A 39 7.95 31.88 -8.63
CA LEU A 39 9.11 32.77 -8.59
C LEU A 39 8.73 34.23 -8.83
N LYS A 40 7.70 34.45 -9.64
CA LYS A 40 7.25 35.80 -9.94
C LYS A 40 6.62 36.42 -8.70
N VAL A 41 5.80 35.63 -8.00
CA VAL A 41 5.16 36.11 -6.80
C VAL A 41 6.23 36.40 -5.74
N LEU A 42 7.23 35.53 -5.65
CA LEU A 42 8.31 35.72 -4.69
C LEU A 42 9.05 37.03 -4.97
N GLU A 43 9.45 37.25 -6.22
CA GLU A 43 10.17 38.47 -6.59
C GLU A 43 9.33 39.72 -6.29
N ALA A 44 8.04 39.66 -6.60
CA ALA A 44 7.16 40.80 -6.36
C ALA A 44 7.09 41.11 -4.86
N ALA A 45 7.00 40.05 -4.05
CA ALA A 45 6.94 40.20 -2.60
C ALA A 45 8.31 40.56 -2.03
N LYS A 46 9.27 40.76 -2.92
CA LYS A 46 10.63 41.11 -2.52
C LYS A 46 11.20 40.10 -1.53
N ALA A 47 10.91 38.82 -1.76
CA ALA A 47 11.42 37.77 -0.89
C ALA A 47 12.93 37.82 -0.95
N PRO A 48 13.60 37.85 0.22
CA PRO A 48 15.06 37.90 0.28
C PRO A 48 15.71 36.57 -0.13
N LEU A 49 15.62 36.24 -1.41
CA LEU A 49 16.17 34.99 -1.91
C LEU A 49 17.06 35.12 -3.14
N ALA A 50 18.02 34.22 -3.26
CA ALA A 50 18.93 34.16 -4.40
C ALA A 50 18.60 32.78 -4.97
N TYR A 51 18.65 32.62 -6.28
CA TYR A 51 18.30 31.33 -6.88
C TYR A 51 19.36 30.64 -7.70
N GLU A 52 19.52 29.34 -7.46
CA GLU A 52 20.45 28.53 -8.22
C GLU A 52 19.55 27.52 -8.92
N VAL A 53 19.25 27.77 -10.20
CA VAL A 53 18.38 26.88 -10.95
C VAL A 53 19.14 25.67 -11.49
N ARG A 54 18.63 24.49 -11.16
CA ARG A 54 19.25 23.23 -11.58
C ARG A 54 18.15 22.29 -12.03
N GLU A 55 18.48 21.29 -12.85
CA GLU A 55 17.47 20.38 -13.36
C GLU A 55 17.47 18.99 -12.70
N ALA A 56 16.31 18.35 -12.76
CA ALA A 56 16.11 16.99 -12.23
C ALA A 56 14.85 16.44 -12.89
N GLY A 57 14.76 15.11 -12.99
CA GLY A 57 13.58 14.53 -13.60
C GLY A 57 13.77 14.09 -15.04
N ALA A 58 12.67 14.03 -15.78
CA ALA A 58 12.66 13.59 -17.17
C ALA A 58 13.67 14.29 -18.09
N SER A 59 13.85 15.59 -17.94
CA SER A 59 14.79 16.31 -18.78
C SER A 59 16.20 15.76 -18.60
N VAL A 60 16.50 15.26 -17.40
CA VAL A 60 17.81 14.69 -17.14
C VAL A 60 17.87 13.24 -17.62
N PHE A 61 16.77 12.51 -17.52
CA PHE A 61 16.73 11.13 -18.01
C PHE A 61 17.07 11.23 -19.51
N ARG A 62 16.52 12.23 -20.17
CA ARG A 62 16.74 12.43 -21.61
C ARG A 62 18.17 12.84 -21.98
N ARG A 63 19.01 13.09 -20.98
CA ARG A 63 20.40 13.45 -21.23
C ARG A 63 21.22 12.16 -21.08
N GLY A 64 20.53 11.08 -20.73
CA GLY A 64 21.20 9.80 -20.56
C GLY A 64 21.74 9.57 -19.16
N ILE A 65 21.18 10.31 -18.20
CA ILE A 65 21.58 10.18 -16.80
C ILE A 65 20.39 9.50 -16.14
N ALA A 66 20.50 8.18 -16.00
CA ALA A 66 19.42 7.35 -15.46
C ALA A 66 18.84 7.68 -14.10
N SER A 67 19.63 8.28 -13.21
CA SER A 67 19.12 8.63 -11.88
C SER A 67 18.25 9.88 -11.96
N GLY A 68 18.41 10.64 -13.03
CA GLY A 68 17.63 11.85 -13.19
C GLY A 68 18.09 13.00 -12.31
N VAL A 69 19.18 12.77 -11.58
CA VAL A 69 19.73 13.80 -10.71
C VAL A 69 21.20 14.00 -11.07
N PRO A 70 21.48 15.05 -11.87
CA PRO A 70 22.84 15.36 -12.30
C PRO A 70 23.73 15.86 -11.17
N GLN A 71 25.03 15.66 -11.33
CA GLN A 71 26.01 16.07 -10.33
C GLN A 71 25.91 17.54 -9.94
N GLU A 72 25.64 18.42 -10.90
CA GLU A 72 25.54 19.85 -10.60
C GLU A 72 24.39 20.12 -9.66
N THR A 73 23.34 19.30 -9.74
CA THR A 73 22.19 19.49 -8.87
C THR A 73 22.50 19.00 -7.46
N ILE A 74 23.27 17.92 -7.36
CA ILE A 74 23.66 17.40 -6.06
C ILE A 74 24.57 18.42 -5.38
N GLU A 75 25.50 18.98 -6.16
CA GLU A 75 26.42 19.99 -5.65
C GLU A 75 25.65 21.21 -5.14
N SER A 76 24.66 21.65 -5.90
CA SER A 76 23.87 22.80 -5.51
C SER A 76 23.10 22.55 -4.22
N ILE A 77 22.49 21.37 -4.10
CA ILE A 77 21.71 21.06 -2.91
C ILE A 77 22.61 20.96 -1.66
N ARG A 78 23.83 20.46 -1.84
CA ARG A 78 24.75 20.36 -0.73
C ARG A 78 25.22 21.75 -0.31
N LYS A 79 25.14 22.69 -1.25
CA LYS A 79 25.56 24.06 -1.00
C LYS A 79 24.47 24.89 -0.33
N THR A 80 23.24 24.71 -0.78
CA THR A 80 22.11 25.45 -0.26
C THR A 80 21.35 24.79 0.88
N ARG A 81 21.21 23.47 0.80
CA ARG A 81 20.48 22.69 1.80
C ARG A 81 18.99 23.02 1.81
N VAL A 82 18.57 23.84 0.85
CA VAL A 82 17.17 24.24 0.75
C VAL A 82 16.76 24.21 -0.71
N VAL A 83 15.67 23.49 -0.99
CA VAL A 83 15.20 23.32 -2.36
C VAL A 83 13.71 23.55 -2.58
N LEU A 84 13.40 24.19 -3.70
CA LEU A 84 12.01 24.41 -4.11
C LEU A 84 12.00 23.71 -5.47
N LYS A 85 11.18 22.68 -5.61
CA LYS A 85 11.14 21.95 -6.86
C LYS A 85 9.74 21.75 -7.38
N GLY A 86 9.61 21.75 -8.70
CA GLY A 86 8.32 21.52 -9.30
C GLY A 86 8.23 20.01 -9.42
N PRO A 87 7.08 19.47 -9.84
CA PRO A 87 6.98 18.02 -9.97
C PRO A 87 7.95 17.45 -11.01
N LEU A 88 8.35 16.20 -10.81
CA LEU A 88 9.25 15.53 -11.75
C LEU A 88 8.51 14.32 -12.29
N GLU A 89 8.61 14.12 -13.59
CA GLU A 89 7.94 13.02 -14.25
C GLU A 89 8.69 11.70 -14.11
N THR A 90 7.97 10.65 -13.71
CA THR A 90 8.54 9.32 -13.56
C THR A 90 7.80 8.39 -14.55
N PRO A 91 8.53 7.73 -15.44
CA PRO A 91 7.87 6.84 -16.39
C PRO A 91 7.05 5.75 -15.70
N VAL A 92 5.88 5.47 -16.27
CA VAL A 92 4.96 4.50 -15.69
C VAL A 92 5.08 3.09 -16.27
N GLY A 93 5.55 2.16 -15.45
CA GLY A 93 5.66 0.76 -15.88
C GLY A 93 6.98 0.34 -16.50
N TYR A 94 7.85 1.31 -16.75
CA TYR A 94 9.15 1.03 -17.35
C TYR A 94 10.06 2.20 -17.08
N GLY A 95 11.24 2.17 -17.69
CA GLY A 95 12.17 3.27 -17.54
C GLY A 95 12.83 3.55 -16.21
N GLU A 96 13.30 4.78 -16.09
CA GLU A 96 14.01 5.25 -14.90
C GLU A 96 13.23 5.31 -13.59
N LYS A 97 13.95 5.17 -12.49
CA LYS A 97 13.35 5.22 -11.17
C LYS A 97 13.03 6.68 -10.85
N SER A 98 12.01 6.87 -10.03
CA SER A 98 11.58 8.21 -9.60
C SER A 98 12.70 9.09 -9.07
N ALA A 99 12.92 10.22 -9.72
CA ALA A 99 13.96 11.17 -9.28
C ALA A 99 13.47 11.90 -8.02
N ASN A 100 12.16 11.84 -7.77
CA ASN A 100 11.59 12.48 -6.58
C ASN A 100 12.03 11.66 -5.38
N VAL A 101 11.91 10.35 -5.50
CA VAL A 101 12.31 9.45 -4.42
C VAL A 101 13.83 9.52 -4.27
N THR A 102 14.54 9.65 -5.39
CA THR A 102 16.01 9.72 -5.34
C THR A 102 16.50 10.94 -4.57
N LEU A 103 15.86 12.09 -4.79
CA LEU A 103 16.27 13.29 -4.07
C LEU A 103 16.07 13.11 -2.57
N ARG A 104 14.91 12.58 -2.17
CA ARG A 104 14.62 12.37 -0.75
C ARG A 104 15.59 11.38 -0.10
N LYS A 105 15.88 10.28 -0.80
CA LYS A 105 16.78 9.26 -0.26
C LYS A 105 18.25 9.69 -0.29
N LEU A 106 18.65 10.46 -1.30
CA LEU A 106 20.02 10.93 -1.36
C LEU A 106 20.32 11.91 -0.23
N PHE A 107 19.30 12.65 0.21
CA PHE A 107 19.51 13.65 1.25
C PHE A 107 18.81 13.43 2.58
N GLU A 108 18.36 12.21 2.80
CA GLU A 108 17.68 11.83 4.03
C GLU A 108 16.61 12.80 4.52
N THR A 109 15.71 13.20 3.62
CA THR A 109 14.60 14.08 4.01
C THR A 109 13.54 13.03 4.36
N TYR A 110 13.70 12.45 5.54
CA TYR A 110 12.83 11.36 6.01
C TYR A 110 11.37 11.66 6.32
N ALA A 111 11.03 12.93 6.53
CA ALA A 111 9.66 13.27 6.84
C ALA A 111 9.00 14.05 5.71
N ASN A 112 7.81 13.60 5.30
CA ASN A 112 7.08 14.27 4.24
C ASN A 112 5.82 14.81 4.89
N VAL A 113 5.80 16.12 5.13
CA VAL A 113 4.69 16.79 5.78
C VAL A 113 3.66 17.28 4.77
N ARG A 114 2.43 16.77 4.87
CA ARG A 114 1.37 17.13 3.94
C ARG A 114 0.12 17.62 4.66
N PRO A 115 0.01 18.94 4.87
CA PRO A 115 -1.12 19.57 5.55
C PRO A 115 -2.30 19.85 4.63
N VAL A 116 -3.51 19.66 5.15
CA VAL A 116 -4.72 19.92 4.37
C VAL A 116 -5.68 20.78 5.19
N ARG A 117 -6.28 21.76 4.52
CA ARG A 117 -7.22 22.69 5.16
C ARG A 117 -8.23 23.13 4.12
N GLU A 118 -9.40 23.56 4.57
CA GLU A 118 -10.42 24.03 3.65
C GLU A 118 -10.00 25.41 3.14
N PHE A 119 -10.36 25.74 1.91
CA PHE A 119 -10.00 27.03 1.32
C PHE A 119 -11.23 27.83 0.89
N PRO A 120 -11.12 29.17 0.92
CA PRO A 120 -12.21 30.08 0.54
C PRO A 120 -12.60 29.91 -0.92
N ASN A 121 -13.91 29.81 -1.18
CA ASN A 121 -14.42 29.66 -2.54
C ASN A 121 -13.90 28.42 -3.27
N VAL A 122 -13.47 27.43 -2.49
CA VAL A 122 -13.01 26.16 -3.04
C VAL A 122 -13.94 25.16 -2.37
N PRO A 123 -15.18 25.06 -2.87
CA PRO A 123 -16.22 24.17 -2.35
C PRO A 123 -15.96 22.68 -2.44
N THR A 124 -16.40 21.97 -1.41
CA THR A 124 -16.29 20.52 -1.31
C THR A 124 -17.40 20.10 -0.36
N PRO A 125 -17.93 18.89 -0.51
CA PRO A 125 -19.00 18.38 0.36
C PRO A 125 -18.66 18.48 1.85
N TYR A 126 -17.38 18.70 2.14
CA TYR A 126 -16.92 18.80 3.53
C TYR A 126 -16.78 20.23 4.03
N ALA A 127 -17.11 21.20 3.18
CA ALA A 127 -17.02 22.60 3.56
C ALA A 127 -17.76 22.87 4.87
N GLY A 128 -17.08 23.54 5.80
CA GLY A 128 -17.69 23.87 7.08
C GLY A 128 -17.48 22.87 8.20
N ARG A 129 -16.85 21.73 7.91
CA ARG A 129 -16.62 20.73 8.94
C ARG A 129 -15.34 20.96 9.74
N GLY A 130 -14.56 21.97 9.33
CA GLY A 130 -13.34 22.30 10.02
C GLY A 130 -12.21 21.30 9.85
N ILE A 131 -12.06 20.76 8.65
CA ILE A 131 -11.00 19.81 8.38
C ILE A 131 -9.66 20.54 8.47
N ASP A 132 -8.82 20.08 9.41
CA ASP A 132 -7.51 20.67 9.60
C ASP A 132 -6.60 19.60 10.18
N LEU A 133 -5.97 18.83 9.29
CA LEU A 133 -5.09 17.75 9.70
C LEU A 133 -3.79 17.78 8.90
N VAL A 134 -2.84 16.96 9.32
CA VAL A 134 -1.57 16.88 8.64
C VAL A 134 -1.13 15.42 8.60
N VAL A 135 -0.71 14.97 7.42
CA VAL A 135 -0.24 13.61 7.25
C VAL A 135 1.28 13.66 7.27
N VAL A 136 1.88 12.86 8.16
CA VAL A 136 3.33 12.80 8.26
C VAL A 136 3.70 11.46 7.64
N ARG A 137 4.12 11.50 6.39
CA ARG A 137 4.47 10.29 5.63
C ARG A 137 5.95 9.94 5.72
N GLU A 138 6.27 8.74 6.19
CA GLU A 138 7.68 8.30 6.26
C GLU A 138 8.11 8.45 4.79
N ASN A 139 9.30 9.01 4.59
CA ASN A 139 9.78 9.36 3.25
C ASN A 139 10.93 8.61 2.60
N VAL A 140 11.61 7.73 3.31
CA VAL A 140 12.77 7.06 2.70
C VAL A 140 12.88 5.53 2.69
N GLU A 141 11.89 4.81 3.20
CA GLU A 141 11.96 3.36 3.13
C GLU A 141 10.63 2.76 2.67
N ASP A 142 10.31 1.56 3.15
CA ASP A 142 9.08 0.87 2.76
C ASP A 142 9.24 0.38 1.31
N LEU A 143 8.14 0.18 0.60
CA LEU A 143 8.17 -0.32 -0.78
C LEU A 143 8.73 0.59 -1.86
N TYR A 144 8.47 1.89 -1.73
CA TYR A 144 8.89 2.84 -2.74
C TYR A 144 10.38 2.93 -3.03
N ALA A 145 11.16 2.11 -2.33
CA ALA A 145 12.61 2.07 -2.56
C ALA A 145 12.81 1.44 -3.95
N GLY A 146 11.84 0.61 -4.35
CA GLY A 146 11.90 -0.03 -5.65
C GLY A 146 12.90 -1.14 -5.86
N ILE A 147 13.22 -1.89 -4.79
CA ILE A 147 14.16 -3.01 -4.92
C ILE A 147 13.36 -4.18 -5.47
N GLU A 148 13.51 -4.47 -6.76
CA GLU A 148 12.74 -5.55 -7.37
C GLU A 148 13.57 -6.59 -8.11
N HIS A 149 13.05 -7.82 -8.10
CA HIS A 149 13.67 -8.94 -8.78
C HIS A 149 12.59 -9.85 -9.35
N MET A 150 12.75 -10.26 -10.61
CA MET A 150 11.81 -11.19 -11.22
C MET A 150 12.26 -12.55 -10.71
N GLN A 151 11.52 -13.09 -9.75
CA GLN A 151 11.84 -14.39 -9.15
C GLN A 151 11.84 -15.48 -10.22
N THR A 152 10.92 -15.38 -11.17
CA THR A 152 10.83 -16.31 -12.29
C THR A 152 10.35 -15.39 -13.42
N PRO A 153 10.32 -15.88 -14.66
CA PRO A 153 9.87 -15.03 -15.76
C PRO A 153 8.47 -14.46 -15.57
N SER A 154 7.65 -15.12 -14.74
CA SER A 154 6.28 -14.67 -14.54
C SER A 154 5.92 -14.28 -13.10
N VAL A 155 6.92 -14.19 -12.22
CA VAL A 155 6.64 -13.81 -10.85
C VAL A 155 7.61 -12.71 -10.43
N ALA A 156 7.05 -11.55 -10.11
CA ALA A 156 7.82 -10.39 -9.71
C ALA A 156 7.81 -10.18 -8.21
N GLN A 157 8.90 -9.67 -7.70
CA GLN A 157 9.01 -9.43 -6.27
C GLN A 157 9.54 -8.03 -5.97
N THR A 158 8.93 -7.39 -4.98
CA THR A 158 9.37 -6.08 -4.53
C THR A 158 9.63 -6.23 -3.04
N LEU A 159 10.74 -5.66 -2.56
CA LEU A 159 11.03 -5.75 -1.13
C LEU A 159 10.45 -4.55 -0.38
N LYS A 160 9.80 -4.83 0.74
CA LYS A 160 9.27 -3.77 1.61
C LYS A 160 10.20 -3.83 2.82
N LEU A 161 10.99 -2.79 3.03
CA LEU A 161 11.92 -2.75 4.16
C LEU A 161 11.53 -1.66 5.14
N ILE A 162 11.39 -2.03 6.41
CA ILE A 162 11.03 -1.07 7.44
C ILE A 162 12.07 -1.24 8.55
N SER A 163 12.74 -0.15 8.91
CA SER A 163 13.78 -0.22 9.95
C SER A 163 13.37 0.45 11.24
N TRP A 164 13.97 0.00 12.34
CA TRP A 164 13.66 0.62 13.62
C TRP A 164 14.12 2.07 13.53
N LYS A 165 15.32 2.25 12.99
CA LYS A 165 15.91 3.58 12.85
C LYS A 165 14.97 4.54 12.12
N GLY A 166 14.47 4.12 10.96
CA GLY A 166 13.58 4.97 10.19
C GLY A 166 12.22 5.18 10.81
N SER A 167 11.71 4.15 11.48
CA SER A 167 10.40 4.25 12.10
C SER A 167 10.47 5.13 13.34
N GLU A 168 11.55 4.99 14.12
CA GLU A 168 11.74 5.79 15.33
C GLU A 168 11.79 7.26 14.95
N LYS A 169 12.53 7.57 13.89
CA LYS A 169 12.65 8.94 13.40
C LYS A 169 11.32 9.59 13.02
N ILE A 170 10.57 8.90 12.17
CA ILE A 170 9.30 9.44 11.70
C ILE A 170 8.24 9.61 12.77
N VAL A 171 8.15 8.69 13.73
CA VAL A 171 7.15 8.85 14.76
C VAL A 171 7.54 9.98 15.72
N ARG A 172 8.84 10.11 16.00
CA ARG A 172 9.28 11.17 16.90
C ARG A 172 9.00 12.53 16.23
N PHE A 173 9.24 12.60 14.92
CA PHE A 173 8.99 13.82 14.18
C PHE A 173 7.52 14.18 14.30
N ALA A 174 6.66 13.18 14.15
CA ALA A 174 5.21 13.39 14.23
C ALA A 174 4.80 13.98 15.58
N PHE A 175 5.34 13.43 16.67
CA PHE A 175 5.01 13.94 18.00
C PHE A 175 5.51 15.36 18.20
N GLU A 176 6.74 15.63 17.75
CA GLU A 176 7.31 16.97 17.86
C GLU A 176 6.46 17.95 17.05
N LEU A 177 5.99 17.51 15.90
CA LEU A 177 5.16 18.34 15.03
C LEU A 177 3.83 18.63 15.73
N ALA A 178 3.25 17.60 16.36
CA ALA A 178 1.98 17.76 17.05
C ALA A 178 2.13 18.75 18.20
N ARG A 179 3.21 18.61 18.94
CA ARG A 179 3.50 19.47 20.08
C ARG A 179 3.81 20.90 19.62
N ALA A 180 4.28 21.05 18.39
CA ALA A 180 4.63 22.37 17.86
C ALA A 180 3.48 23.09 17.15
N GLU A 181 2.38 22.39 16.91
CA GLU A 181 1.24 23.01 16.25
C GLU A 181 0.03 23.05 17.18
N GLY A 182 0.24 22.69 18.44
CA GLY A 182 -0.84 22.70 19.39
C GLY A 182 -1.83 21.56 19.25
N ARG A 183 -1.43 20.50 18.56
CA ARG A 183 -2.30 19.35 18.38
C ARG A 183 -2.06 18.39 19.54
N LYS A 184 -3.13 17.91 20.15
CA LYS A 184 -3.01 17.00 21.30
C LYS A 184 -3.24 15.53 20.96
N LYS A 185 -3.18 15.18 19.69
CA LYS A 185 -3.41 13.79 19.31
C LYS A 185 -2.70 13.40 18.02
N VAL A 186 -2.09 12.22 18.05
CA VAL A 186 -1.40 11.69 16.87
C VAL A 186 -1.91 10.29 16.60
N HIS A 187 -2.33 10.05 15.36
CA HIS A 187 -2.80 8.73 14.97
C HIS A 187 -1.69 8.05 14.18
N CYS A 188 -1.49 6.76 14.43
CA CYS A 188 -0.49 5.98 13.72
C CYS A 188 -1.27 4.92 12.96
N ALA A 189 -1.29 5.05 11.63
CA ALA A 189 -1.99 4.11 10.78
C ALA A 189 -1.04 3.06 10.24
N THR A 190 -1.35 1.78 10.47
CA THR A 190 -0.52 0.70 9.97
C THR A 190 -1.34 -0.52 9.59
N LYS A 191 -0.70 -1.47 8.94
CA LYS A 191 -1.35 -2.71 8.59
C LYS A 191 -0.57 -3.78 9.37
N SER A 192 -0.33 -3.51 10.65
CA SER A 192 0.41 -4.42 11.52
C SER A 192 -0.31 -5.72 11.82
N ASN A 193 -1.58 -5.83 11.47
CA ASN A 193 -2.29 -7.07 11.72
C ASN A 193 -1.85 -8.10 10.70
N ILE A 194 -1.45 -7.61 9.52
CA ILE A 194 -0.99 -8.47 8.44
C ILE A 194 0.53 -8.56 8.39
N MET A 195 1.19 -7.41 8.47
CA MET A 195 2.65 -7.35 8.44
C MET A 195 3.15 -7.05 9.84
N LYS A 196 3.09 -8.08 10.67
CA LYS A 196 3.47 -7.98 12.07
C LYS A 196 4.91 -7.52 12.29
N LEU A 197 5.82 -7.94 11.41
CA LEU A 197 7.22 -7.55 11.55
C LEU A 197 7.52 -6.17 10.94
N ALA A 198 7.14 -5.97 9.68
CA ALA A 198 7.41 -4.70 9.00
C ALA A 198 6.55 -3.54 9.48
N GLU A 199 5.23 -3.61 9.27
CA GLU A 199 4.35 -2.54 9.72
C GLU A 199 4.37 -2.47 11.25
N GLY A 200 4.53 -3.62 11.89
CA GLY A 200 4.56 -3.66 13.34
C GLY A 200 5.74 -2.90 13.92
N THR A 201 6.76 -2.70 13.10
CA THR A 201 7.93 -1.96 13.56
C THR A 201 7.51 -0.51 13.80
N LEU A 202 6.67 0.03 12.93
CA LEU A 202 6.22 1.41 13.10
C LEU A 202 5.30 1.50 14.32
N LYS A 203 4.42 0.52 14.49
CA LYS A 203 3.51 0.52 15.63
C LYS A 203 4.29 0.50 16.94
N ARG A 204 5.29 -0.38 17.03
CA ARG A 204 6.10 -0.49 18.23
C ARG A 204 6.95 0.75 18.50
N ALA A 205 7.49 1.36 17.44
CA ALA A 205 8.29 2.56 17.60
C ALA A 205 7.37 3.68 18.07
N PHE A 206 6.17 3.72 17.50
CA PHE A 206 5.17 4.71 17.86
C PHE A 206 4.88 4.63 19.36
N GLU A 207 4.60 3.42 19.83
CA GLU A 207 4.27 3.20 21.24
C GLU A 207 5.40 3.54 22.21
N GLN A 208 6.63 3.19 21.84
CA GLN A 208 7.77 3.46 22.71
C GLN A 208 8.10 4.94 22.76
N VAL A 209 8.09 5.61 21.60
CA VAL A 209 8.38 7.04 21.58
C VAL A 209 7.25 7.84 22.22
N ALA A 210 6.03 7.31 22.15
CA ALA A 210 4.87 7.99 22.74
C ALA A 210 5.08 8.25 24.23
N GLN A 211 5.71 7.29 24.91
CA GLN A 211 5.97 7.40 26.35
C GLN A 211 6.72 8.68 26.71
N GLU A 212 7.38 9.29 25.72
CA GLU A 212 8.13 10.50 25.97
C GLU A 212 7.28 11.75 25.74
N TYR A 213 6.07 11.55 25.25
CA TYR A 213 5.15 12.66 25.00
C TYR A 213 3.82 12.42 25.68
N PRO A 214 3.82 12.34 27.02
CA PRO A 214 2.59 12.12 27.78
C PRO A 214 1.56 13.22 27.54
N ASP A 215 2.01 14.35 27.00
CA ASP A 215 1.10 15.46 26.73
C ASP A 215 0.28 15.25 25.47
N ILE A 216 0.68 14.28 24.66
CA ILE A 216 -0.01 13.98 23.41
C ILE A 216 -0.71 12.63 23.47
N GLU A 217 -1.93 12.54 22.95
CA GLU A 217 -2.64 11.26 22.95
C GLU A 217 -2.21 10.46 21.72
N ALA A 218 -1.70 9.25 21.96
CA ALA A 218 -1.25 8.38 20.88
C ALA A 218 -2.28 7.31 20.59
N VAL A 219 -2.78 7.30 19.36
CA VAL A 219 -3.79 6.33 18.97
C VAL A 219 -3.36 5.53 17.75
N HIS A 220 -3.42 4.20 17.83
CA HIS A 220 -3.06 3.39 16.69
C HIS A 220 -4.35 3.06 15.96
N ILE A 221 -4.30 3.02 14.63
CA ILE A 221 -5.46 2.71 13.84
C ILE A 221 -5.00 1.90 12.63
N ILE A 222 -5.78 0.88 12.26
CA ILE A 222 -5.41 0.06 11.11
C ILE A 222 -5.67 0.93 9.87
N VAL A 223 -4.73 0.90 8.93
CA VAL A 223 -4.80 1.73 7.72
C VAL A 223 -6.10 1.70 6.90
N ASP A 224 -6.73 0.53 6.76
CA ASP A 224 -7.97 0.47 5.99
C ASP A 224 -9.07 1.25 6.72
N ASN A 225 -9.27 0.97 8.00
CA ASN A 225 -10.28 1.70 8.77
C ASN A 225 -9.93 3.19 8.74
N ALA A 226 -8.64 3.49 8.68
CA ALA A 226 -8.19 4.88 8.66
C ALA A 226 -8.65 5.61 7.40
N ALA A 227 -8.64 4.91 6.26
CA ALA A 227 -9.06 5.49 5.00
C ALA A 227 -10.56 5.75 5.08
N HIS A 228 -11.28 4.80 5.66
CA HIS A 228 -12.71 4.89 5.84
C HIS A 228 -13.05 6.08 6.75
N GLN A 229 -12.31 6.20 7.86
CA GLN A 229 -12.53 7.29 8.81
C GLN A 229 -12.18 8.65 8.22
N LEU A 230 -11.14 8.69 7.40
CA LEU A 230 -10.71 9.94 6.78
C LEU A 230 -11.77 10.48 5.82
N VAL A 231 -12.57 9.59 5.25
CA VAL A 231 -13.62 10.03 4.35
C VAL A 231 -14.91 10.27 5.13
N LYS A 232 -15.24 9.35 6.03
CA LYS A 232 -16.46 9.49 6.81
C LYS A 232 -16.43 10.66 7.80
N ARG A 233 -15.34 10.79 8.53
CA ARG A 233 -15.22 11.85 9.53
C ARG A 233 -13.78 12.33 9.71
N PRO A 234 -13.26 13.07 8.71
CA PRO A 234 -11.89 13.60 8.74
C PRO A 234 -11.60 14.63 9.84
N GLU A 235 -12.64 15.28 10.35
CA GLU A 235 -12.45 16.29 11.38
C GLU A 235 -11.99 15.71 12.72
N GLN A 236 -11.92 14.39 12.82
CA GLN A 236 -11.49 13.75 14.05
C GLN A 236 -9.98 13.66 14.13
N PHE A 237 -9.31 13.88 13.00
CA PHE A 237 -7.85 13.78 12.94
C PHE A 237 -7.11 15.10 13.04
N GLU A 238 -5.91 15.02 13.62
CA GLU A 238 -5.04 16.18 13.75
C GLU A 238 -3.73 15.81 13.06
N VAL A 239 -3.02 14.83 13.60
CA VAL A 239 -1.77 14.37 13.00
C VAL A 239 -1.87 12.87 12.73
N ILE A 240 -1.51 12.47 11.51
CA ILE A 240 -1.52 11.07 11.14
C ILE A 240 -0.14 10.70 10.63
N VAL A 241 0.48 9.71 11.25
CA VAL A 241 1.81 9.27 10.83
C VAL A 241 1.68 7.84 10.33
N THR A 242 2.30 7.56 9.20
CA THR A 242 2.20 6.23 8.63
C THR A 242 3.42 5.95 7.74
N THR A 243 3.55 4.70 7.30
CA THR A 243 4.67 4.32 6.43
C THR A 243 4.53 4.92 5.04
N ASN A 244 5.63 4.91 4.30
CA ASN A 244 5.72 5.51 2.96
C ASN A 244 4.55 5.29 2.01
N MET A 245 4.27 4.05 1.65
CA MET A 245 3.19 3.77 0.73
C MET A 245 1.83 4.17 1.27
N ASN A 246 1.53 3.77 2.51
CA ASN A 246 0.24 4.12 3.11
C ASN A 246 0.05 5.62 3.08
N GLY A 247 1.11 6.35 3.39
CA GLY A 247 1.05 7.80 3.40
C GLY A 247 0.81 8.41 2.04
N ASP A 248 1.34 7.77 1.00
CA ASP A 248 1.18 8.25 -0.36
C ASP A 248 -0.30 8.25 -0.71
N ILE A 249 -0.99 7.16 -0.38
CA ILE A 249 -2.40 7.04 -0.69
C ILE A 249 -3.30 7.91 0.20
N LEU A 250 -3.08 7.87 1.51
CA LEU A 250 -3.89 8.65 2.44
C LEU A 250 -3.77 10.15 2.23
N SER A 251 -2.56 10.64 1.95
CA SER A 251 -2.38 12.07 1.76
C SER A 251 -3.12 12.56 0.51
N ASP A 252 -3.18 11.73 -0.52
CA ASP A 252 -3.87 12.11 -1.74
C ASP A 252 -5.37 12.02 -1.49
N LEU A 253 -5.77 11.10 -0.62
CA LEU A 253 -7.17 10.92 -0.26
C LEU A 253 -7.66 12.20 0.42
N THR A 254 -6.85 12.72 1.34
CA THR A 254 -7.21 13.92 2.09
C THR A 254 -7.27 15.18 1.22
N SER A 255 -6.41 15.26 0.21
CA SER A 255 -6.41 16.44 -0.66
C SER A 255 -7.75 16.56 -1.39
N GLY A 256 -8.36 15.42 -1.66
CA GLY A 256 -9.64 15.42 -2.36
C GLY A 256 -10.78 15.90 -1.48
N LEU A 257 -10.48 16.14 -0.21
CA LEU A 257 -11.47 16.61 0.75
C LEU A 257 -11.57 18.13 0.76
N ILE A 258 -10.54 18.80 0.28
CA ILE A 258 -10.52 20.26 0.30
C ILE A 258 -10.23 20.97 -1.02
N GLY A 259 -10.49 20.31 -2.15
CA GLY A 259 -10.25 20.98 -3.41
C GLY A 259 -9.40 20.25 -4.43
N GLY A 260 -8.70 19.20 -4.00
CA GLY A 260 -7.87 18.47 -4.94
C GLY A 260 -6.39 18.77 -4.83
N LEU A 261 -5.60 18.07 -5.64
CA LEU A 261 -4.14 18.21 -5.65
C LEU A 261 -3.60 19.61 -5.92
N GLY A 262 -4.38 20.45 -6.60
CA GLY A 262 -3.91 21.79 -6.88
C GLY A 262 -3.75 22.64 -5.64
N PHE A 263 -4.21 22.11 -4.50
CA PHE A 263 -4.13 22.82 -3.23
C PHE A 263 -3.37 22.04 -2.15
N ALA A 264 -2.52 21.10 -2.57
CA ALA A 264 -1.77 20.28 -1.63
C ALA A 264 -0.27 20.51 -1.64
N PRO A 265 0.24 21.27 -0.67
CA PRO A 265 1.68 21.55 -0.59
C PRO A 265 2.36 20.51 0.30
N SER A 266 3.68 20.51 0.33
CA SER A 266 4.38 19.55 1.17
C SER A 266 5.82 19.97 1.42
N ALA A 267 6.38 19.42 2.50
CA ALA A 267 7.76 19.69 2.87
C ALA A 267 8.47 18.36 3.12
N ASN A 268 9.63 18.19 2.50
CA ASN A 268 10.43 16.99 2.69
C ASN A 268 11.51 17.47 3.66
N ILE A 269 11.38 17.07 4.92
CA ILE A 269 12.32 17.49 5.95
C ILE A 269 13.31 16.45 6.46
N GLY A 270 14.56 16.88 6.57
CA GLY A 270 15.63 16.05 7.09
C GLY A 270 16.45 16.96 7.98
N ASN A 271 17.46 16.42 8.66
CA ASN A 271 18.29 17.25 9.53
C ASN A 271 19.27 18.11 8.74
N GLU A 272 19.65 17.65 7.56
CA GLU A 272 20.62 18.35 6.74
C GLU A 272 20.08 19.07 5.50
N VAL A 273 18.90 18.67 5.06
CA VAL A 273 18.31 19.26 3.87
C VAL A 273 16.80 19.35 3.97
N ALA A 274 16.23 20.30 3.25
CA ALA A 274 14.78 20.48 3.23
C ALA A 274 14.35 20.70 1.78
N ILE A 275 13.37 19.93 1.32
CA ILE A 275 12.88 20.06 -0.05
C ILE A 275 11.39 20.37 -0.04
N PHE A 276 11.04 21.50 -0.64
CA PHE A 276 9.65 21.93 -0.69
C PHE A 276 9.10 21.72 -2.10
N GLU A 277 7.92 21.11 -2.15
CA GLU A 277 7.28 20.78 -3.42
C GLU A 277 5.81 20.49 -3.21
N ALA A 278 5.06 20.53 -4.30
CA ALA A 278 3.64 20.22 -4.24
C ALA A 278 3.53 18.70 -4.12
N VAL A 279 2.36 18.22 -3.72
CA VAL A 279 2.11 16.80 -3.59
C VAL A 279 1.80 16.23 -4.97
N HIS A 280 1.33 17.10 -5.88
CA HIS A 280 0.95 16.68 -7.23
C HIS A 280 2.10 16.43 -8.20
N GLY A 281 1.76 15.79 -9.32
CA GLY A 281 2.73 15.47 -10.33
C GLY A 281 2.87 16.43 -11.50
N SER A 282 3.44 15.93 -12.60
CA SER A 282 3.77 16.73 -13.77
C SER A 282 2.53 17.04 -14.62
N ALA A 283 1.52 16.14 -14.50
CA ALA A 283 0.22 16.39 -15.12
C ALA A 283 0.35 16.85 -16.58
N PRO A 284 0.90 15.90 -17.36
CA PRO A 284 1.20 16.14 -18.78
C PRO A 284 0.08 16.69 -19.66
N LYS A 285 -1.17 16.34 -19.36
CA LYS A 285 -2.28 16.82 -20.18
C LYS A 285 -2.56 18.30 -20.02
N TYR A 286 -1.94 18.93 -19.02
CA TYR A 286 -2.14 20.35 -18.78
C TYR A 286 -0.88 21.16 -19.06
N ALA A 287 0.25 20.49 -19.23
CA ALA A 287 1.50 21.17 -19.49
C ALA A 287 1.44 22.10 -20.69
N GLY A 288 1.91 23.33 -20.50
CA GLY A 288 1.93 24.31 -21.56
C GLY A 288 0.61 24.98 -21.94
N LYS A 289 -0.50 24.54 -21.35
CA LYS A 289 -1.80 25.12 -21.67
C LYS A 289 -2.19 26.34 -20.83
N ASN A 290 -1.29 26.76 -19.95
CA ASN A 290 -1.52 27.92 -19.09
C ASN A 290 -2.86 27.87 -18.35
N VAL A 291 -3.24 26.69 -17.88
CA VAL A 291 -4.50 26.53 -17.15
C VAL A 291 -4.31 25.86 -15.80
N ILE A 292 -3.08 25.41 -15.53
CA ILE A 292 -2.79 24.71 -14.28
C ILE A 292 -2.79 25.61 -13.05
N ASN A 293 -3.28 25.07 -11.94
CA ASN A 293 -3.35 25.80 -10.66
C ASN A 293 -2.01 25.71 -9.93
N PRO A 294 -1.33 26.85 -9.76
CA PRO A 294 -0.02 26.87 -9.08
C PRO A 294 -0.11 27.10 -7.57
N THR A 295 -1.29 26.96 -6.99
CA THR A 295 -1.46 27.18 -5.56
C THR A 295 -0.59 26.24 -4.72
N ALA A 296 -0.60 24.95 -5.07
CA ALA A 296 0.17 23.95 -4.34
C ALA A 296 1.66 24.28 -4.26
N VAL A 297 2.26 24.63 -5.39
CA VAL A 297 3.67 24.97 -5.41
C VAL A 297 3.92 26.29 -4.67
N LEU A 298 2.98 27.23 -4.81
CA LEU A 298 3.12 28.51 -4.14
C LEU A 298 3.09 28.31 -2.63
N LEU A 299 2.12 27.54 -2.13
CA LEU A 299 2.02 27.27 -0.70
C LEU A 299 3.24 26.50 -0.18
N SER A 300 3.91 25.79 -1.08
CA SER A 300 5.10 25.06 -0.67
C SER A 300 6.23 26.04 -0.47
N ALA A 301 6.28 27.06 -1.32
CA ALA A 301 7.31 28.11 -1.23
C ALA A 301 7.08 28.88 0.06
N VAL A 302 5.82 28.94 0.49
CA VAL A 302 5.46 29.62 1.73
C VAL A 302 6.00 28.78 2.89
N MET A 303 5.89 27.46 2.78
CA MET A 303 6.39 26.59 3.83
C MET A 303 7.90 26.76 3.90
N MET A 304 8.51 26.92 2.72
CA MET A 304 9.95 27.11 2.61
C MET A 304 10.37 28.43 3.26
N LEU A 305 9.60 29.49 3.00
CA LEU A 305 9.89 30.79 3.58
C LEU A 305 9.91 30.73 5.11
N ARG A 306 8.90 30.10 5.70
CA ARG A 306 8.84 29.98 7.15
C ARG A 306 10.03 29.16 7.65
N TYR A 307 10.38 28.10 6.92
CA TYR A 307 11.52 27.26 7.29
C TYR A 307 12.76 28.15 7.32
N LEU A 308 12.83 29.07 6.36
CA LEU A 308 13.94 29.99 6.24
C LEU A 308 13.87 31.14 7.26
N GLU A 309 12.81 31.13 8.05
CA GLU A 309 12.59 32.15 9.08
C GLU A 309 12.23 33.50 8.47
N GLU A 310 11.68 33.47 7.26
CA GLU A 310 11.25 34.68 6.56
C GLU A 310 9.74 34.75 6.73
N PHE A 311 9.33 34.78 7.99
CA PHE A 311 7.93 34.82 8.37
C PHE A 311 7.11 35.96 7.75
N ALA A 312 7.70 37.15 7.66
CA ALA A 312 7.00 38.30 7.11
C ALA A 312 6.59 38.04 5.66
N THR A 313 7.56 37.64 4.83
CA THR A 313 7.27 37.37 3.43
C THR A 313 6.26 36.23 3.30
N ALA A 314 6.42 35.20 4.14
CA ALA A 314 5.50 34.06 4.11
C ALA A 314 4.08 34.52 4.34
N ASP A 315 3.85 35.35 5.37
CA ASP A 315 2.52 35.85 5.66
C ASP A 315 2.00 36.71 4.51
N LEU A 316 2.87 37.57 3.99
CA LEU A 316 2.51 38.46 2.89
C LEU A 316 1.98 37.67 1.70
N ILE A 317 2.76 36.71 1.25
CA ILE A 317 2.38 35.88 0.11
C ILE A 317 1.15 35.03 0.43
N GLU A 318 1.13 34.41 1.60
CA GLU A 318 0.00 33.56 1.97
C GLU A 318 -1.29 34.35 2.11
N ASN A 319 -1.18 35.59 2.59
CA ASN A 319 -2.35 36.43 2.76
C ASN A 319 -2.90 36.83 1.40
N ALA A 320 -2.01 37.19 0.49
CA ALA A 320 -2.41 37.58 -0.86
C ALA A 320 -3.20 36.44 -1.51
N LEU A 321 -2.61 35.25 -1.47
CA LEU A 321 -3.26 34.07 -2.05
C LEU A 321 -4.64 33.86 -1.44
N LEU A 322 -4.70 33.79 -0.12
CA LEU A 322 -5.97 33.58 0.58
C LEU A 322 -6.96 34.70 0.30
N TYR A 323 -6.45 35.93 0.19
CA TYR A 323 -7.31 37.06 -0.09
C TYR A 323 -7.93 36.86 -1.47
N THR A 324 -7.09 36.44 -2.41
CA THR A 324 -7.53 36.19 -3.78
C THR A 324 -8.64 35.14 -3.81
N LEU A 325 -8.48 34.11 -2.99
CA LEU A 325 -9.48 33.04 -2.93
C LEU A 325 -10.74 33.52 -2.23
N GLU A 326 -10.58 34.29 -1.16
CA GLU A 326 -11.71 34.79 -0.40
C GLU A 326 -12.63 35.65 -1.28
N GLU A 327 -12.01 36.48 -2.12
CA GLU A 327 -12.77 37.34 -3.02
C GLU A 327 -13.50 36.49 -4.08
N GLY A 328 -12.83 35.44 -4.53
CA GLY A 328 -13.42 34.54 -5.52
C GLY A 328 -13.70 35.10 -6.90
N ARG A 329 -12.82 35.96 -7.40
CA ARG A 329 -13.02 36.54 -8.72
C ARG A 329 -12.09 35.87 -9.73
N VAL A 330 -10.91 35.48 -9.29
CA VAL A 330 -9.94 34.83 -10.16
C VAL A 330 -9.66 33.42 -9.64
N LEU A 331 -10.43 32.45 -10.12
CA LEU A 331 -10.27 31.06 -9.72
C LEU A 331 -9.87 30.16 -10.89
N THR A 332 -8.92 29.27 -10.64
CA THR A 332 -8.43 28.36 -11.68
C THR A 332 -9.42 27.27 -12.08
N GLY A 333 -9.17 26.69 -13.25
CA GLY A 333 -10.04 25.65 -13.78
C GLY A 333 -10.39 24.49 -12.86
N ASP A 334 -9.46 24.09 -11.99
CA ASP A 334 -9.73 22.98 -11.09
C ASP A 334 -10.79 23.32 -10.05
N VAL A 335 -11.18 24.58 -9.98
CA VAL A 335 -12.19 25.02 -9.03
C VAL A 335 -13.51 25.39 -9.69
N VAL A 336 -13.44 26.07 -10.83
CA VAL A 336 -14.64 26.50 -11.53
C VAL A 336 -14.80 25.91 -12.93
N GLY A 337 -14.10 24.82 -13.21
CA GLY A 337 -14.21 24.21 -14.53
C GLY A 337 -13.23 24.85 -15.48
N TYR A 338 -12.75 24.08 -16.44
CA TYR A 338 -11.78 24.58 -17.40
C TYR A 338 -12.36 25.39 -18.55
N ASP A 339 -13.67 25.57 -18.54
CA ASP A 339 -14.35 26.34 -19.58
C ASP A 339 -14.49 27.78 -19.09
N ARG A 340 -14.19 27.99 -17.81
CA ARG A 340 -14.31 29.31 -17.18
C ARG A 340 -13.01 29.68 -16.45
N GLY A 341 -12.35 28.67 -15.90
CA GLY A 341 -11.12 28.89 -15.16
C GLY A 341 -10.17 29.94 -15.68
N ALA A 342 -9.63 30.73 -14.76
CA ALA A 342 -8.68 31.78 -15.11
C ALA A 342 -7.37 31.14 -15.53
N LYS A 343 -6.63 31.82 -16.40
CA LYS A 343 -5.35 31.32 -16.87
C LYS A 343 -4.36 31.33 -15.72
N THR A 344 -3.33 30.51 -15.81
CA THR A 344 -2.31 30.43 -14.76
C THR A 344 -1.70 31.82 -14.52
N THR A 345 -1.27 32.46 -15.61
CA THR A 345 -0.67 33.80 -15.51
C THR A 345 -1.61 34.84 -14.92
N GLU A 346 -2.90 34.73 -15.22
CA GLU A 346 -3.87 35.69 -14.70
C GLU A 346 -4.03 35.51 -13.19
N TYR A 347 -4.04 34.24 -12.78
CA TYR A 347 -4.17 33.88 -11.38
C TYR A 347 -2.99 34.48 -10.62
N THR A 348 -1.80 34.29 -11.17
CA THR A 348 -0.58 34.80 -10.58
C THR A 348 -0.70 36.31 -10.41
N GLU A 349 -0.96 36.99 -11.52
CA GLU A 349 -1.09 38.45 -11.53
C GLU A 349 -2.05 38.95 -10.47
N ALA A 350 -3.18 38.26 -10.31
CA ALA A 350 -4.17 38.65 -9.32
C ALA A 350 -3.55 38.59 -7.93
N ILE A 351 -2.98 37.43 -7.59
CA ILE A 351 -2.35 37.26 -6.29
C ILE A 351 -1.32 38.36 -6.05
N ILE A 352 -0.48 38.63 -7.04
CA ILE A 352 0.54 39.66 -6.90
C ILE A 352 -0.14 41.01 -6.64
N GLN A 353 -1.22 41.28 -7.36
CA GLN A 353 -1.96 42.53 -7.19
C GLN A 353 -2.49 42.64 -5.78
N ASN A 354 -2.63 41.50 -5.09
CA ASN A 354 -3.15 41.50 -3.74
C ASN A 354 -2.10 41.46 -2.65
N LEU A 355 -0.83 41.62 -3.03
CA LEU A 355 0.24 41.62 -2.05
C LEU A 355 0.04 42.85 -1.18
N GLY A 356 -0.05 42.64 0.14
CA GLY A 356 -0.26 43.74 1.06
C GLY A 356 -1.66 43.67 1.65
N LYS A 357 -2.52 42.90 1.01
CA LYS A 357 -3.89 42.71 1.46
C LYS A 357 -4.00 41.44 2.29
N THR A 358 -4.93 41.42 3.23
CA THR A 358 -5.12 40.27 4.11
C THR A 358 -6.58 39.83 4.19
N PRO A 359 -6.83 38.51 4.09
CA PRO A 359 -8.19 37.96 4.16
C PRO A 359 -8.84 38.23 5.52
N ARG A 360 -10.16 38.14 5.56
CA ARG A 360 -10.91 38.37 6.78
C ARG A 360 -11.21 37.08 7.53
N LYS A 361 -11.46 36.00 6.80
CA LYS A 361 -11.76 34.68 7.37
C LYS A 361 -10.50 33.81 7.43
N THR A 362 -10.32 33.00 6.37
CA THR A 362 -9.16 32.11 6.34
C THR A 362 -7.85 32.90 6.39
N GLN A 363 -7.14 32.81 7.52
CA GLN A 363 -5.86 33.51 7.66
C GLN A 363 -4.69 32.57 7.84
N VAL A 364 -3.49 33.16 7.91
CA VAL A 364 -2.27 32.38 8.08
C VAL A 364 -2.17 31.85 9.50
N ARG A 365 -1.94 30.55 9.63
CA ARG A 365 -1.84 29.94 10.95
C ARG A 365 -0.39 29.54 11.20
N GLY A 366 0.49 30.52 11.12
CA GLY A 366 1.91 30.29 11.34
C GLY A 366 2.21 29.67 12.69
N TYR A 367 2.50 28.38 12.68
CA TYR A 367 2.80 27.66 13.92
C TYR A 367 4.17 28.10 14.41
N LYS A 368 4.66 27.45 15.46
CA LYS A 368 5.96 27.80 16.00
C LYS A 368 7.00 26.77 15.56
N PRO A 369 8.19 27.25 15.14
CA PRO A 369 9.25 26.34 14.70
C PRO A 369 9.69 25.40 15.83
N PHE A 370 10.19 24.24 15.45
CA PHE A 370 10.64 23.28 16.45
C PHE A 370 11.95 22.64 16.01
N ARG A 371 12.82 22.38 16.97
CA ARG A 371 14.11 21.77 16.69
C ARG A 371 13.90 20.30 16.32
N LEU A 372 14.60 19.83 15.29
CA LEU A 372 14.47 18.44 14.87
C LEU A 372 15.22 17.55 15.85
N PRO A 373 14.64 16.39 16.19
CA PRO A 373 15.28 15.47 17.13
C PRO A 373 16.69 15.12 16.66
N GLN A 374 17.62 15.02 17.59
CA GLN A 374 19.00 14.69 17.26
C GLN A 374 19.21 13.19 17.35
N VAL A 375 20.24 12.69 16.68
CA VAL A 375 20.53 11.27 16.68
C VAL A 375 20.89 10.77 18.08
N ASP A 376 21.59 11.60 18.84
CA ASP A 376 22.00 11.25 20.19
C ASP A 376 20.85 11.01 21.16
N GLY A 377 19.66 11.47 20.80
CA GLY A 377 18.51 11.27 21.66
C GLY A 377 17.56 10.21 21.16
N ALA A 378 17.87 9.65 19.99
CA ALA A 378 17.03 8.62 19.39
C ALA A 378 17.16 7.32 20.16
N ILE A 379 16.09 6.52 20.12
CA ILE A 379 16.11 5.22 20.78
C ILE A 379 16.86 4.30 19.83
N ALA A 380 18.07 3.91 20.23
CA ALA A 380 18.90 3.05 19.40
C ALA A 380 18.32 1.65 19.34
N PRO A 381 18.54 0.95 18.21
CA PRO A 381 18.00 -0.41 18.11
C PRO A 381 18.73 -1.26 19.15
N ILE A 382 18.06 -2.29 19.65
CA ILE A 382 18.64 -3.15 20.66
C ILE A 382 19.46 -4.29 20.06
N VAL A 383 20.62 -4.55 20.67
CA VAL A 383 21.48 -5.64 20.24
C VAL A 383 21.03 -6.86 21.04
N PRO A 384 20.52 -7.89 20.35
CA PRO A 384 20.04 -9.10 21.02
C PRO A 384 21.08 -9.68 21.97
N ARG A 385 20.64 -10.31 23.04
CA ARG A 385 21.55 -10.91 24.00
C ARG A 385 22.01 -12.24 23.42
N SER A 386 21.14 -12.84 22.61
CA SER A 386 21.45 -14.10 21.95
C SER A 386 20.76 -14.14 20.59
N ARG A 387 21.35 -14.89 19.66
CA ARG A 387 20.80 -15.01 18.32
C ARG A 387 21.35 -16.30 17.73
N ARG A 388 20.57 -16.93 16.84
CA ARG A 388 21.01 -18.17 16.21
C ARG A 388 20.35 -18.33 14.86
N VAL A 389 21.06 -18.99 13.94
CA VAL A 389 20.52 -19.26 12.62
C VAL A 389 19.87 -20.64 12.80
N VAL A 390 18.56 -20.71 12.59
CA VAL A 390 17.85 -21.97 12.79
C VAL A 390 17.44 -22.69 11.52
N GLY A 391 17.71 -22.09 10.36
CA GLY A 391 17.36 -22.75 9.11
C GLY A 391 17.51 -21.82 7.93
N VAL A 392 16.93 -22.23 6.80
CA VAL A 392 17.01 -21.42 5.59
C VAL A 392 15.80 -21.65 4.69
N ASP A 393 15.31 -20.56 4.11
CA ASP A 393 14.20 -20.61 3.17
C ASP A 393 14.84 -20.57 1.78
N VAL A 394 14.59 -21.59 0.98
CA VAL A 394 15.14 -21.68 -0.37
C VAL A 394 14.00 -21.52 -1.38
N PHE A 395 14.06 -20.50 -2.22
CA PHE A 395 13.02 -20.26 -3.21
C PHE A 395 13.46 -20.89 -4.52
N VAL A 396 12.59 -21.70 -5.11
CA VAL A 396 12.89 -22.41 -6.35
C VAL A 396 11.86 -22.14 -7.44
N GLU A 397 12.30 -22.27 -8.68
CA GLU A 397 11.44 -22.08 -9.83
C GLU A 397 11.20 -23.47 -10.40
N THR A 398 9.95 -23.91 -10.38
CA THR A 398 9.59 -25.22 -10.91
C THR A 398 8.08 -25.34 -11.07
N ASN A 399 7.63 -26.25 -11.93
CA ASN A 399 6.21 -26.47 -12.15
C ASN A 399 5.85 -27.82 -11.53
N LEU A 400 6.83 -28.48 -10.92
CA LEU A 400 6.61 -29.76 -10.27
C LEU A 400 5.56 -29.54 -9.19
N LEU A 401 4.61 -30.46 -9.08
CA LEU A 401 3.54 -30.34 -8.09
C LEU A 401 4.09 -30.46 -6.67
N PRO A 402 3.45 -29.80 -5.70
CA PRO A 402 3.84 -29.77 -4.28
C PRO A 402 4.27 -31.09 -3.66
N GLU A 403 3.43 -32.11 -3.79
CA GLU A 403 3.76 -33.40 -3.20
C GLU A 403 5.07 -33.96 -3.75
N ALA A 404 5.24 -33.92 -5.06
CA ALA A 404 6.47 -34.43 -5.68
C ALA A 404 7.67 -33.57 -5.32
N LEU A 405 7.46 -32.26 -5.26
CA LEU A 405 8.55 -31.35 -4.90
C LEU A 405 8.98 -31.66 -3.46
N GLY A 406 7.99 -31.89 -2.61
CA GLY A 406 8.27 -32.19 -1.21
C GLY A 406 9.14 -33.42 -1.05
N LYS A 407 8.77 -34.51 -1.71
CA LYS A 407 9.55 -35.73 -1.61
C LYS A 407 10.95 -35.56 -2.22
N ALA A 408 11.03 -34.85 -3.34
CA ALA A 408 12.31 -34.63 -3.99
C ALA A 408 13.27 -33.88 -3.07
N LEU A 409 12.77 -32.85 -2.40
CA LEU A 409 13.61 -32.07 -1.50
C LEU A 409 13.96 -32.81 -0.22
N GLU A 410 13.07 -33.67 0.26
CA GLU A 410 13.38 -34.43 1.46
C GLU A 410 14.53 -35.37 1.12
N ASP A 411 14.49 -35.94 -0.08
CA ASP A 411 15.54 -36.85 -0.51
C ASP A 411 16.88 -36.10 -0.63
N LEU A 412 16.83 -34.90 -1.20
CA LEU A 412 18.05 -34.11 -1.37
C LEU A 412 18.65 -33.64 -0.05
N ALA A 413 17.80 -33.44 0.95
CA ALA A 413 18.26 -32.99 2.26
C ALA A 413 18.73 -34.15 3.13
N ALA A 414 18.41 -35.38 2.74
CA ALA A 414 18.81 -36.54 3.53
C ALA A 414 20.33 -36.57 3.63
N GLY A 415 20.84 -36.67 4.85
CA GLY A 415 22.28 -36.68 5.05
C GLY A 415 22.80 -35.36 5.56
N THR A 416 22.01 -34.30 5.40
CA THR A 416 22.41 -32.99 5.89
C THR A 416 21.74 -32.73 7.23
N PRO A 417 22.22 -31.72 7.97
CA PRO A 417 21.63 -31.40 9.27
C PRO A 417 20.38 -30.53 9.10
N PHE A 418 19.66 -30.75 8.01
CA PHE A 418 18.44 -29.99 7.72
C PHE A 418 17.29 -30.92 7.35
N ARG A 419 16.06 -30.47 7.64
CA ARG A 419 14.87 -31.23 7.29
C ARG A 419 13.93 -30.24 6.60
N LEU A 420 13.16 -30.72 5.63
CA LEU A 420 12.21 -29.84 4.96
C LEU A 420 11.01 -29.72 5.91
N LYS A 421 10.69 -28.51 6.36
CA LYS A 421 9.56 -28.34 7.25
C LYS A 421 8.27 -28.19 6.46
N MET A 422 8.30 -27.35 5.44
CA MET A 422 7.12 -27.09 4.64
C MET A 422 7.50 -26.36 3.36
N ILE A 423 6.53 -26.25 2.44
CA ILE A 423 6.73 -25.55 1.19
C ILE A 423 5.51 -24.67 0.99
N SER A 424 5.73 -23.44 0.51
CA SER A 424 4.61 -22.56 0.25
C SER A 424 4.69 -22.02 -1.17
N ASN A 425 3.56 -21.54 -1.65
CA ASN A 425 3.46 -20.98 -3.00
C ASN A 425 2.67 -19.68 -2.81
N ARG A 426 3.29 -18.57 -3.19
CA ARG A 426 2.69 -17.25 -3.01
C ARG A 426 2.34 -17.03 -1.53
N GLY A 427 3.10 -17.68 -0.66
CA GLY A 427 2.90 -17.52 0.77
C GLY A 427 1.95 -18.50 1.42
N THR A 428 1.33 -19.36 0.62
CA THR A 428 0.37 -20.36 1.12
C THR A 428 1.02 -21.74 1.24
N GLN A 429 0.88 -22.38 2.41
CA GLN A 429 1.44 -23.73 2.55
C GLN A 429 0.78 -24.64 1.51
N VAL A 430 1.60 -25.43 0.82
CA VAL A 430 1.10 -26.41 -0.16
C VAL A 430 1.70 -27.78 0.15
N TYR A 431 2.66 -27.80 1.07
CA TYR A 431 3.28 -29.05 1.51
C TYR A 431 3.72 -28.87 2.95
N PRO A 432 3.18 -29.71 3.87
CA PRO A 432 2.22 -30.79 3.64
C PRO A 432 0.92 -30.25 3.02
N PRO A 433 0.13 -31.11 2.36
CA PRO A 433 -1.12 -30.66 1.75
C PRO A 433 -2.04 -30.11 2.83
N THR A 434 -2.91 -29.18 2.44
CA THR A 434 -3.82 -28.53 3.37
C THR A 434 -5.29 -28.88 3.17
N GLY A 435 -5.58 -29.55 2.06
CA GLY A 435 -6.96 -29.88 1.77
C GLY A 435 -7.61 -28.75 0.98
N GLY A 436 -6.82 -27.74 0.64
CA GLY A 436 -7.33 -26.61 -0.11
C GLY A 436 -7.34 -26.81 -1.62
N LEU A 437 -7.64 -25.74 -2.35
CA LEU A 437 -7.70 -25.78 -3.81
C LEU A 437 -6.86 -24.62 -4.37
N THR A 438 -5.77 -24.32 -3.69
CA THR A 438 -4.86 -23.24 -4.06
C THR A 438 -4.28 -23.40 -5.46
N ASP A 439 -4.35 -22.34 -6.27
CA ASP A 439 -3.78 -22.37 -7.61
C ASP A 439 -2.30 -22.08 -7.42
N LEU A 440 -1.44 -22.66 -8.25
CA LEU A 440 0.00 -22.49 -8.09
C LEU A 440 0.75 -21.75 -9.20
N VAL A 441 1.74 -20.95 -8.81
CA VAL A 441 2.59 -20.27 -9.79
C VAL A 441 3.89 -21.07 -9.76
N ASP A 442 4.81 -20.79 -10.68
CA ASP A 442 6.05 -21.56 -10.76
C ASP A 442 7.15 -21.12 -9.81
N HIS A 443 6.76 -20.65 -8.63
CA HIS A 443 7.70 -20.16 -7.63
C HIS A 443 7.29 -20.75 -6.27
N TYR A 444 8.23 -21.43 -5.60
CA TYR A 444 7.94 -22.04 -4.30
C TYR A 444 8.98 -21.67 -3.27
N ARG A 445 8.54 -21.40 -2.04
CA ARG A 445 9.48 -21.11 -0.96
C ARG A 445 9.57 -22.42 -0.17
N CYS A 446 10.79 -22.91 -0.01
CA CYS A 446 10.99 -24.17 0.69
C CYS A 446 11.72 -23.93 2.01
N ARG A 447 11.02 -24.17 3.13
CA ARG A 447 11.60 -23.94 4.44
C ARG A 447 12.32 -25.16 5.02
N PHE A 448 13.61 -25.00 5.26
CA PHE A 448 14.44 -26.04 5.83
C PHE A 448 14.83 -25.61 7.24
N LEU A 449 14.67 -26.52 8.20
CA LEU A 449 15.03 -26.21 9.57
C LEU A 449 16.25 -27.02 9.99
N TYR A 450 17.12 -26.38 10.76
CA TYR A 450 18.33 -27.02 11.25
C TYR A 450 17.94 -28.03 12.32
N THR A 451 18.57 -29.20 12.29
CA THR A 451 18.27 -30.28 13.23
C THR A 451 19.40 -30.61 14.21
N GLY A 452 20.56 -29.96 14.07
CA GLY A 452 21.67 -30.25 14.97
C GLY A 452 21.73 -29.43 16.25
N GLU A 453 22.87 -29.48 16.93
CA GLU A 453 23.05 -28.71 18.15
C GLU A 453 23.63 -27.36 17.75
N GLY A 454 23.37 -26.34 18.56
CA GLY A 454 23.89 -25.03 18.27
C GLY A 454 23.07 -24.36 17.18
N GLU A 455 23.74 -23.95 16.11
CA GLU A 455 23.06 -23.30 15.00
C GLU A 455 23.62 -23.76 13.68
N ALA A 456 22.92 -23.41 12.61
CA ALA A 456 23.33 -23.75 11.26
C ALA A 456 24.46 -22.83 10.82
N LYS A 457 25.60 -23.42 10.46
CA LYS A 457 26.76 -22.65 10.01
C LYS A 457 26.72 -22.48 8.50
N ASP A 458 27.34 -21.42 8.01
CA ASP A 458 27.37 -21.14 6.57
C ASP A 458 27.74 -22.28 5.65
N PRO A 459 28.83 -23.02 5.95
CA PRO A 459 29.21 -24.13 5.06
C PRO A 459 28.08 -25.16 4.89
N GLU A 460 27.41 -25.49 5.99
CA GLU A 460 26.32 -26.46 5.97
C GLU A 460 25.15 -25.96 5.11
N ILE A 461 24.87 -24.68 5.23
CA ILE A 461 23.79 -24.07 4.46
C ILE A 461 24.10 -24.11 2.97
N LEU A 462 25.30 -23.70 2.59
CA LEU A 462 25.66 -23.71 1.19
C LEU A 462 25.66 -25.13 0.65
N ASP A 463 26.02 -26.10 1.49
CA ASP A 463 26.03 -27.49 1.07
C ASP A 463 24.59 -27.90 0.76
N LEU A 464 23.66 -27.51 1.61
CA LEU A 464 22.25 -27.86 1.39
C LEU A 464 21.78 -27.23 0.09
N VAL A 465 22.13 -25.97 -0.12
CA VAL A 465 21.72 -25.28 -1.33
C VAL A 465 22.31 -25.93 -2.59
N SER A 466 23.56 -26.38 -2.52
CA SER A 466 24.17 -27.01 -3.68
C SER A 466 23.44 -28.32 -4.02
N ARG A 467 22.96 -29.02 -3.00
CA ARG A 467 22.24 -30.26 -3.21
C ARG A 467 20.90 -29.97 -3.88
N VAL A 468 20.24 -28.92 -3.43
CA VAL A 468 18.97 -28.53 -4.04
C VAL A 468 19.21 -28.13 -5.50
N ALA A 469 20.32 -27.43 -5.74
CA ALA A 469 20.67 -26.96 -7.07
C ALA A 469 20.98 -28.08 -8.06
N SER A 470 21.33 -29.25 -7.55
CA SER A 470 21.66 -30.37 -8.42
C SER A 470 20.45 -30.76 -9.27
N ARG A 471 19.25 -30.34 -8.86
CA ARG A 471 18.05 -30.66 -9.62
C ARG A 471 17.14 -29.47 -9.86
N PHE A 472 17.12 -28.53 -8.93
CA PHE A 472 16.24 -27.37 -9.04
C PHE A 472 16.94 -26.03 -9.19
N ARG A 473 16.23 -25.10 -9.81
CA ARG A 473 16.74 -23.75 -10.01
C ARG A 473 16.31 -22.90 -8.81
N TRP A 474 17.26 -22.46 -7.99
CA TRP A 474 16.91 -21.60 -6.87
C TRP A 474 17.31 -20.20 -7.31
N MET A 475 16.70 -19.18 -6.75
CA MET A 475 17.06 -17.82 -7.13
C MET A 475 17.05 -16.88 -5.95
N HIS A 476 16.52 -17.35 -4.82
CA HIS A 476 16.39 -16.50 -3.64
C HIS A 476 16.59 -17.34 -2.37
N LEU A 477 17.43 -16.86 -1.47
CA LEU A 477 17.68 -17.53 -0.20
C LEU A 477 17.45 -16.55 0.94
N GLU A 478 16.89 -17.03 2.03
CA GLU A 478 16.67 -16.21 3.22
C GLU A 478 17.05 -17.04 4.44
N LYS A 479 18.00 -16.57 5.24
CA LYS A 479 18.35 -17.31 6.44
C LYS A 479 17.20 -17.12 7.43
N LEU A 480 16.98 -18.12 8.27
CA LEU A 480 15.93 -18.04 9.30
C LEU A 480 16.71 -17.90 10.60
N GLN A 481 16.51 -16.78 11.28
CA GLN A 481 17.22 -16.52 12.52
C GLN A 481 16.27 -16.25 13.69
N GLU A 482 16.76 -16.53 14.89
CA GLU A 482 16.01 -16.27 16.10
C GLU A 482 16.82 -15.23 16.86
N PHE A 483 16.14 -14.24 17.41
CA PHE A 483 16.78 -13.19 18.19
C PHE A 483 16.12 -13.21 19.57
N ASP A 484 16.90 -13.57 20.59
CA ASP A 484 16.37 -13.65 21.96
C ASP A 484 15.21 -14.65 22.05
N GLY A 485 15.39 -15.81 21.44
CA GLY A 485 14.37 -16.84 21.50
C GLY A 485 13.13 -16.62 20.65
N GLU A 486 13.09 -15.53 19.90
CA GLU A 486 11.93 -15.26 19.05
C GLU A 486 12.31 -15.37 17.58
N PRO A 487 11.51 -16.09 16.78
CA PRO A 487 11.80 -16.26 15.36
C PRO A 487 11.72 -14.94 14.59
N GLY A 488 12.75 -14.65 13.81
CA GLY A 488 12.76 -13.44 13.02
C GLY A 488 12.16 -13.72 11.66
N PHE A 489 11.06 -14.46 11.65
CA PHE A 489 10.36 -14.82 10.42
C PHE A 489 8.96 -15.30 10.75
N THR A 490 8.08 -15.30 9.76
CA THR A 490 6.70 -15.70 9.95
C THR A 490 6.38 -17.08 9.38
N LYS A 491 5.21 -17.60 9.73
CA LYS A 491 4.75 -18.88 9.22
C LYS A 491 4.04 -18.60 7.90
N ALA A 492 3.69 -19.65 7.17
CA ALA A 492 2.99 -19.49 5.89
C ALA A 492 1.49 -19.43 6.17
N GLN A 493 0.70 -18.96 5.21
CA GLN A 493 -0.75 -18.92 5.44
C GLN A 493 -1.22 -20.36 5.39
N GLY A 494 -2.05 -20.74 6.36
CA GLY A 494 -2.56 -22.09 6.40
C GLY A 494 -1.66 -23.03 7.18
N GLU A 495 -0.54 -22.51 7.68
CA GLU A 495 0.40 -23.32 8.45
C GLU A 495 0.07 -23.28 9.94
N ASP A 496 -0.15 -24.45 10.52
CA ASP A 496 -0.47 -24.55 11.93
C ASP A 496 0.81 -24.75 12.73
N PRO B 2 -26.16 -33.46 -2.96
CA PRO B 2 -24.82 -33.62 -3.53
C PRO B 2 -24.34 -32.33 -4.19
N LEU B 3 -23.01 -32.22 -4.29
CA LEU B 3 -22.43 -31.05 -4.95
C LEU B 3 -22.62 -31.10 -6.47
N ILE B 4 -23.20 -30.02 -7.03
CA ILE B 4 -23.41 -29.97 -8.48
C ILE B 4 -22.75 -28.75 -9.12
N THR B 5 -22.63 -28.82 -10.44
CA THR B 5 -22.07 -27.73 -11.22
C THR B 5 -23.22 -27.17 -12.04
N THR B 6 -23.54 -25.90 -11.84
CA THR B 6 -24.62 -25.26 -12.57
C THR B 6 -24.20 -24.95 -14.01
N GLU B 7 -25.19 -24.72 -14.87
CA GLU B 7 -24.93 -24.41 -16.26
C GLU B 7 -24.14 -23.12 -16.43
N THR B 8 -23.87 -22.46 -15.31
CA THR B 8 -23.12 -21.22 -15.32
C THR B 8 -21.69 -21.48 -14.84
N GLY B 9 -21.42 -22.73 -14.49
CA GLY B 9 -20.09 -23.11 -14.03
C GLY B 9 -19.89 -23.10 -12.53
N LYS B 10 -20.80 -22.47 -11.80
CA LYS B 10 -20.70 -22.40 -10.35
C LYS B 10 -21.04 -23.71 -9.67
N LYS B 11 -20.32 -24.01 -8.59
CA LYS B 11 -20.57 -25.23 -7.85
C LYS B 11 -21.30 -24.93 -6.56
N MET B 12 -22.34 -25.71 -6.28
CA MET B 12 -23.12 -25.55 -5.06
C MET B 12 -23.68 -26.88 -4.60
N HIS B 13 -23.90 -27.00 -3.31
CA HIS B 13 -24.40 -28.24 -2.71
C HIS B 13 -25.92 -28.20 -2.62
N VAL B 14 -26.59 -28.98 -3.46
CA VAL B 14 -28.04 -29.04 -3.47
C VAL B 14 -28.52 -30.33 -2.82
N LEU B 15 -29.29 -30.18 -1.73
CA LEU B 15 -29.79 -31.34 -1.01
C LEU B 15 -30.97 -31.98 -1.75
N GLU B 16 -31.35 -33.18 -1.32
CA GLU B 16 -32.45 -33.92 -1.92
C GLU B 16 -33.71 -33.08 -2.05
N ASP B 17 -33.94 -32.19 -1.08
CA ASP B 17 -35.12 -31.34 -1.06
C ASP B 17 -34.94 -30.00 -1.78
N GLY B 18 -33.86 -29.87 -2.55
CA GLY B 18 -33.64 -28.64 -3.29
C GLY B 18 -33.00 -27.50 -2.51
N ARG B 19 -32.87 -27.67 -1.20
CA ARG B 19 -32.17 -26.70 -0.36
C ARG B 19 -30.68 -26.65 -0.69
N LYS B 20 -30.12 -25.42 -0.64
CA LYS B 20 -28.70 -25.29 -0.89
C LYS B 20 -27.92 -25.20 0.43
N LEU B 21 -27.03 -26.21 0.61
CA LEU B 21 -26.25 -26.26 1.85
C LEU B 21 -25.07 -25.29 1.82
N ILE B 22 -24.95 -24.43 2.82
CA ILE B 22 -23.82 -23.50 2.85
C ILE B 22 -23.10 -23.62 4.19
N THR B 23 -21.85 -23.18 4.21
CA THR B 23 -21.06 -23.21 5.43
C THR B 23 -21.25 -21.81 6.03
N VAL B 24 -21.53 -21.74 7.33
CA VAL B 24 -21.73 -20.47 7.99
C VAL B 24 -20.69 -20.32 9.10
N ILE B 25 -19.95 -19.22 9.05
CA ILE B 25 -18.92 -18.94 10.05
C ILE B 25 -19.30 -17.70 10.86
N PRO B 26 -19.71 -17.89 12.13
CA PRO B 26 -20.11 -16.78 13.00
C PRO B 26 -19.05 -15.70 13.15
N GLY B 27 -17.80 -16.13 13.32
CA GLY B 27 -16.73 -15.15 13.45
C GLY B 27 -16.48 -14.65 14.85
N ASP B 28 -15.80 -13.51 14.95
CA ASP B 28 -15.44 -12.91 16.22
C ASP B 28 -16.04 -11.52 16.43
N GLY B 29 -15.96 -11.03 17.66
CA GLY B 29 -16.50 -9.72 17.98
C GLY B 29 -17.96 -9.57 17.60
N ILE B 30 -18.26 -8.58 16.77
CA ILE B 30 -19.63 -8.33 16.32
C ILE B 30 -20.09 -9.41 15.35
N GLY B 31 -19.15 -10.19 14.85
CA GLY B 31 -19.48 -11.24 13.91
C GLY B 31 -20.77 -11.99 14.21
N PRO B 32 -20.80 -12.74 15.32
CA PRO B 32 -21.97 -13.52 15.74
C PRO B 32 -23.29 -12.75 15.70
N GLU B 33 -23.27 -11.50 16.15
CA GLU B 33 -24.48 -10.67 16.16
C GLU B 33 -24.95 -10.39 14.74
N CYS B 34 -24.01 -10.01 13.87
CA CYS B 34 -24.33 -9.71 12.49
C CYS B 34 -24.80 -10.95 11.72
N VAL B 35 -24.17 -12.07 12.01
CA VAL B 35 -24.52 -13.33 11.36
C VAL B 35 -25.86 -13.83 11.89
N GLU B 36 -26.01 -13.78 13.22
CA GLU B 36 -27.23 -14.21 13.87
C GLU B 36 -28.44 -13.50 13.27
N ALA B 37 -28.33 -12.17 13.16
CA ALA B 37 -29.41 -11.38 12.60
C ALA B 37 -29.70 -11.85 11.18
N THR B 38 -28.66 -11.86 10.35
CA THR B 38 -28.78 -12.27 8.96
C THR B 38 -29.51 -13.60 8.82
N LEU B 39 -29.17 -14.57 9.65
CA LEU B 39 -29.82 -15.88 9.59
C LEU B 39 -31.30 -15.77 9.90
N LYS B 40 -31.65 -14.84 10.79
CA LYS B 40 -33.04 -14.64 11.18
C LYS B 40 -33.83 -14.15 9.98
N VAL B 41 -33.28 -13.15 9.29
CA VAL B 41 -33.95 -12.59 8.12
C VAL B 41 -34.08 -13.66 7.04
N LEU B 42 -33.05 -14.48 6.89
CA LEU B 42 -33.05 -15.55 5.91
C LEU B 42 -34.18 -16.54 6.20
N GLU B 43 -34.25 -17.02 7.44
CA GLU B 43 -35.28 -17.98 7.82
C GLU B 43 -36.68 -17.39 7.61
N ALA B 44 -36.85 -16.12 7.95
CA ALA B 44 -38.13 -15.45 7.79
C ALA B 44 -38.52 -15.35 6.31
N ALA B 45 -37.54 -15.08 5.46
CA ALA B 45 -37.77 -14.97 4.03
C ALA B 45 -37.90 -16.36 3.43
N LYS B 46 -37.83 -17.37 4.29
CA LYS B 46 -37.94 -18.76 3.86
C LYS B 46 -36.89 -19.10 2.81
N ALA B 47 -35.70 -18.51 2.93
CA ALA B 47 -34.62 -18.78 1.99
C ALA B 47 -34.40 -20.29 1.97
N PRO B 48 -34.32 -20.89 0.78
CA PRO B 48 -34.13 -22.34 0.65
C PRO B 48 -32.69 -22.79 0.95
N LEU B 49 -32.25 -22.52 2.17
CA LEU B 49 -30.89 -22.87 2.58
C LEU B 49 -30.80 -23.79 3.79
N ALA B 50 -29.74 -24.59 3.81
CA ALA B 50 -29.44 -25.50 4.90
C ALA B 50 -28.10 -24.97 5.39
N TYR B 51 -27.90 -24.92 6.71
CA TYR B 51 -26.68 -24.36 7.25
C TYR B 51 -25.77 -25.32 7.99
N GLU B 52 -24.48 -25.27 7.67
CA GLU B 52 -23.49 -26.09 8.33
C GLU B 52 -22.61 -25.06 9.05
N VAL B 53 -22.82 -24.90 10.35
CA VAL B 53 -22.06 -23.92 11.12
C VAL B 53 -20.70 -24.42 11.57
N ARG B 54 -19.65 -23.67 11.22
CA ARG B 54 -18.28 -24.03 11.57
C ARG B 54 -17.53 -22.79 12.04
N GLU B 55 -16.45 -22.98 12.78
CA GLU B 55 -15.68 -21.85 13.28
C GLU B 55 -14.37 -21.54 12.55
N ALA B 56 -13.95 -20.29 12.66
CA ALA B 56 -12.70 -19.81 12.08
C ALA B 56 -12.38 -18.50 12.78
N GLY B 57 -11.10 -18.14 12.82
CA GLY B 57 -10.72 -16.90 13.47
C GLY B 57 -10.15 -17.05 14.87
N ALA B 58 -10.31 -16.00 15.67
CA ALA B 58 -9.79 -15.96 17.04
C ALA B 58 -10.22 -17.13 17.93
N SER B 59 -11.49 -17.52 17.86
CA SER B 59 -11.95 -18.63 18.70
C SER B 59 -11.14 -19.89 18.40
N VAL B 60 -10.66 -20.00 17.15
CA VAL B 60 -9.86 -21.16 16.77
C VAL B 60 -8.40 -20.96 17.18
N PHE B 61 -7.89 -19.74 17.07
CA PHE B 61 -6.52 -19.46 17.50
C PHE B 61 -6.46 -19.87 18.97
N ARG B 62 -7.53 -19.57 19.71
CA ARG B 62 -7.59 -19.88 21.14
C ARG B 62 -7.71 -21.38 21.45
N ARG B 63 -7.83 -22.20 20.42
CA ARG B 63 -7.89 -23.64 20.60
C ARG B 63 -6.49 -24.18 20.35
N GLY B 64 -5.57 -23.29 20.00
CA GLY B 64 -4.20 -23.68 19.73
C GLY B 64 -3.95 -24.05 18.28
N ILE B 65 -4.85 -23.66 17.40
CA ILE B 65 -4.72 -23.94 15.96
C ILE B 65 -4.33 -22.61 15.33
N ALA B 66 -3.02 -22.44 15.12
CA ALA B 66 -2.44 -21.20 14.62
C ALA B 66 -2.95 -20.63 13.30
N SER B 67 -3.45 -21.47 12.41
CA SER B 67 -3.95 -20.98 11.13
C SER B 67 -5.34 -20.37 11.33
N GLY B 68 -5.98 -20.76 12.43
CA GLY B 68 -7.31 -20.24 12.72
C GLY B 68 -8.40 -20.87 11.86
N VAL B 69 -8.03 -21.87 11.08
CA VAL B 69 -8.97 -22.58 10.21
C VAL B 69 -8.86 -24.07 10.50
N PRO B 70 -9.77 -24.59 11.33
CA PRO B 70 -9.79 -26.00 11.70
C PRO B 70 -10.17 -26.91 10.55
N GLN B 71 -9.70 -28.15 10.61
CA GLN B 71 -9.96 -29.13 9.57
C GLN B 71 -11.44 -29.32 9.24
N GLU B 72 -12.30 -29.32 10.27
CA GLU B 72 -13.73 -29.51 10.03
C GLU B 72 -14.29 -28.38 9.17
N THR B 73 -13.69 -27.20 9.26
CA THR B 73 -14.16 -26.06 8.49
C THR B 73 -13.71 -26.19 7.04
N ILE B 74 -12.50 -26.71 6.83
CA ILE B 74 -11.99 -26.89 5.48
C ILE B 74 -12.85 -27.98 4.81
N GLU B 75 -13.15 -29.03 5.58
CA GLU B 75 -13.98 -30.12 5.08
C GLU B 75 -15.34 -29.60 4.65
N SER B 76 -15.94 -28.76 5.50
CA SER B 76 -17.25 -28.19 5.22
C SER B 76 -17.24 -27.30 3.98
N ILE B 77 -16.20 -26.49 3.81
CA ILE B 77 -16.14 -25.61 2.66
C ILE B 77 -15.94 -26.39 1.37
N ARG B 78 -15.18 -27.48 1.42
CA ARG B 78 -14.96 -28.33 0.24
C ARG B 78 -16.28 -29.02 -0.12
N LYS B 79 -17.13 -29.21 0.87
CA LYS B 79 -18.43 -29.86 0.66
C LYS B 79 -19.48 -28.92 0.10
N THR B 80 -19.51 -27.68 0.60
CA THR B 80 -20.52 -26.71 0.19
C THR B 80 -20.07 -25.76 -0.93
N ARG B 81 -18.79 -25.39 -0.91
CA ARG B 81 -18.25 -24.46 -1.90
C ARG B 81 -18.88 -23.08 -1.80
N VAL B 82 -19.71 -22.86 -0.78
CA VAL B 82 -20.36 -21.57 -0.58
C VAL B 82 -20.33 -21.22 0.90
N VAL B 83 -19.82 -20.04 1.21
CA VAL B 83 -19.66 -19.60 2.59
C VAL B 83 -20.19 -18.21 2.93
N LEU B 84 -20.82 -18.09 4.09
CA LEU B 84 -21.30 -16.81 4.59
C LEU B 84 -20.52 -16.70 5.89
N LYS B 85 -19.66 -15.69 6.01
CA LYS B 85 -18.87 -15.54 7.23
C LYS B 85 -18.95 -14.16 7.83
N GLY B 86 -18.88 -14.11 9.15
CA GLY B 86 -18.88 -12.84 9.82
C GLY B 86 -17.41 -12.44 9.86
N PRO B 87 -17.08 -11.24 10.35
CA PRO B 87 -15.66 -10.86 10.39
C PRO B 87 -14.86 -11.76 11.34
N LEU B 88 -13.55 -11.83 11.10
CA LEU B 88 -12.65 -12.63 11.94
C LEU B 88 -11.57 -11.70 12.47
N GLU B 89 -11.30 -11.80 13.77
CA GLU B 89 -10.30 -10.97 14.41
C GLU B 89 -8.88 -11.47 14.14
N THR B 90 -8.02 -10.56 13.72
CA THR B 90 -6.62 -10.87 13.47
C THR B 90 -5.82 -10.00 14.44
N PRO B 91 -4.98 -10.63 15.27
CA PRO B 91 -4.19 -9.83 16.23
C PRO B 91 -3.33 -8.78 15.54
N VAL B 92 -3.22 -7.61 16.15
CA VAL B 92 -2.48 -6.51 15.57
C VAL B 92 -1.04 -6.37 16.07
N GLY B 93 -0.09 -6.58 15.16
CA GLY B 93 1.32 -6.43 15.48
C GLY B 93 2.01 -7.66 16.03
N TYR B 94 1.25 -8.72 16.29
CA TYR B 94 1.80 -9.95 16.83
C TYR B 94 0.82 -11.08 16.56
N GLY B 95 1.14 -12.26 17.08
CA GLY B 95 0.26 -13.39 16.93
C GLY B 95 0.03 -14.04 15.58
N GLU B 96 -1.09 -14.74 15.48
CA GLU B 96 -1.48 -15.49 14.30
C GLU B 96 -1.77 -14.67 13.04
N LYS B 97 -1.55 -15.28 11.88
CA LYS B 97 -1.79 -14.65 10.60
C LYS B 97 -3.31 -14.58 10.38
N SER B 98 -3.72 -13.60 9.59
CA SER B 98 -5.14 -13.41 9.27
C SER B 98 -5.82 -14.66 8.73
N ALA B 99 -6.86 -15.13 9.42
CA ALA B 99 -7.60 -16.29 8.97
C ALA B 99 -8.49 -15.92 7.78
N ASN B 100 -8.75 -14.63 7.60
CA ASN B 100 -9.55 -14.16 6.47
C ASN B 100 -8.73 -14.36 5.20
N VAL B 101 -7.46 -13.98 5.27
CA VAL B 101 -6.56 -14.13 4.14
C VAL B 101 -6.31 -15.63 3.91
N THR B 102 -6.24 -16.41 4.99
CA THR B 102 -6.02 -17.85 4.85
C THR B 102 -7.17 -18.54 4.11
N LEU B 103 -8.40 -18.17 4.44
CA LEU B 103 -9.55 -18.78 3.76
C LEU B 103 -9.50 -18.48 2.26
N ARG B 104 -9.23 -17.22 1.91
CA ARG B 104 -9.16 -16.82 0.50
C ARG B 104 -8.05 -17.54 -0.27
N LYS B 105 -6.87 -17.64 0.34
CA LYS B 105 -5.73 -18.29 -0.29
C LYS B 105 -5.86 -19.82 -0.34
N LEU B 106 -6.48 -20.41 0.67
CA LEU B 106 -6.67 -21.85 0.69
C LEU B 106 -7.62 -22.27 -0.41
N PHE B 107 -8.60 -21.42 -0.73
CA PHE B 107 -9.60 -21.79 -1.74
C PHE B 107 -9.59 -20.98 -3.03
N GLU B 108 -8.49 -20.28 -3.26
CA GLU B 108 -8.31 -19.48 -4.49
C GLU B 108 -9.51 -18.59 -4.85
N THR B 109 -10.03 -17.84 -3.89
CA THR B 109 -11.11 -16.90 -4.15
C THR B 109 -10.33 -15.64 -4.51
N TYR B 110 -9.79 -15.62 -5.73
CA TYR B 110 -8.93 -14.54 -6.21
C TYR B 110 -9.51 -13.15 -6.42
N ALA B 111 -10.83 -13.04 -6.53
CA ALA B 111 -11.44 -11.74 -6.75
C ALA B 111 -12.27 -11.32 -5.55
N ASN B 112 -12.04 -10.10 -5.09
CA ASN B 112 -12.79 -9.55 -3.96
C ASN B 112 -13.64 -8.42 -4.53
N VAL B 113 -14.94 -8.66 -4.67
CA VAL B 113 -15.86 -7.67 -5.23
C VAL B 113 -16.48 -6.80 -4.14
N ARG B 114 -16.21 -5.51 -4.18
CA ARG B 114 -16.73 -4.58 -3.18
C ARG B 114 -17.52 -3.44 -3.79
N PRO B 115 -18.84 -3.65 -3.95
CA PRO B 115 -19.75 -2.68 -4.55
C PRO B 115 -20.10 -1.55 -3.56
N VAL B 116 -20.12 -0.31 -4.07
CA VAL B 116 -20.55 0.80 -3.23
C VAL B 116 -21.64 1.65 -3.89
N ARG B 117 -22.67 2.00 -3.08
CA ARG B 117 -23.77 2.81 -3.59
C ARG B 117 -24.41 3.66 -2.47
N GLU B 118 -25.14 4.71 -2.83
CA GLU B 118 -25.76 5.59 -1.85
C GLU B 118 -27.01 4.89 -1.33
N PHE B 119 -27.29 5.05 -0.03
CA PHE B 119 -28.46 4.42 0.57
C PHE B 119 -29.46 5.45 1.10
N PRO B 120 -30.76 5.09 1.09
CA PRO B 120 -31.84 5.96 1.57
C PRO B 120 -31.70 6.30 3.05
N ASN B 121 -31.86 7.57 3.39
CA ASN B 121 -31.75 8.04 4.77
C ASN B 121 -30.42 7.75 5.43
N VAL B 122 -29.40 7.49 4.63
CA VAL B 122 -28.02 7.36 5.09
C VAL B 122 -27.18 8.51 4.56
N PRO B 123 -27.32 9.65 5.27
CA PRO B 123 -26.76 10.92 4.81
C PRO B 123 -25.25 10.87 4.60
N THR B 124 -24.83 11.39 3.44
CA THR B 124 -23.43 11.70 3.22
C THR B 124 -23.29 12.94 2.33
N PRO B 125 -22.15 13.63 2.51
CA PRO B 125 -21.87 14.83 1.73
C PRO B 125 -21.94 14.58 0.22
N TYR B 126 -21.93 13.28 -0.14
CA TYR B 126 -21.94 12.96 -1.57
C TYR B 126 -23.34 12.59 -2.07
N ALA B 127 -24.32 12.62 -1.16
CA ALA B 127 -25.69 12.27 -1.54
C ALA B 127 -26.15 13.04 -2.78
N GLY B 128 -26.79 12.33 -3.69
CA GLY B 128 -27.29 12.95 -4.91
C GLY B 128 -26.33 12.93 -6.09
N ARG B 129 -25.07 12.57 -5.86
CA ARG B 129 -24.12 12.55 -6.95
C ARG B 129 -24.13 11.26 -7.76
N GLY B 130 -24.97 10.32 -7.35
CA GLY B 130 -25.09 9.05 -8.05
C GLY B 130 -23.86 8.16 -8.03
N ILE B 131 -23.26 8.00 -6.86
CA ILE B 131 -22.09 7.14 -6.74
C ILE B 131 -22.53 5.69 -6.89
N ASP B 132 -21.98 5.02 -7.89
CA ASP B 132 -22.30 3.62 -8.14
C ASP B 132 -21.10 2.96 -8.81
N LEU B 133 -20.19 2.47 -7.98
CA LEU B 133 -18.98 1.83 -8.48
C LEU B 133 -18.71 0.52 -7.76
N VAL B 134 -17.72 -0.21 -8.24
CA VAL B 134 -17.34 -1.49 -7.64
C VAL B 134 -15.84 -1.65 -7.73
N VAL B 135 -15.21 -1.93 -6.60
CA VAL B 135 -13.77 -2.15 -6.55
C VAL B 135 -13.55 -3.65 -6.65
N VAL B 136 -12.69 -4.06 -7.59
CA VAL B 136 -12.36 -5.47 -7.78
C VAL B 136 -10.92 -5.60 -7.29
N ARG B 137 -10.79 -6.05 -6.05
CA ARG B 137 -9.51 -6.20 -5.39
C ARG B 137 -8.86 -7.57 -5.58
N GLU B 138 -7.64 -7.61 -6.12
CA GLU B 138 -6.95 -8.89 -6.28
C GLU B 138 -6.93 -9.40 -4.85
N ASN B 139 -7.23 -10.68 -4.67
CA ASN B 139 -7.42 -11.27 -3.35
C ASN B 139 -6.42 -12.29 -2.80
N VAL B 140 -5.47 -12.77 -3.60
CA VAL B 140 -4.57 -13.79 -3.09
C VAL B 140 -3.05 -13.58 -3.15
N GLU B 141 -2.58 -12.45 -3.65
CA GLU B 141 -1.14 -12.21 -3.67
C GLU B 141 -0.76 -10.83 -3.17
N ASP B 142 0.35 -10.28 -3.68
CA ASP B 142 0.82 -8.96 -3.26
C ASP B 142 1.42 -9.09 -1.84
N LEU B 143 1.42 -8.01 -1.08
CA LEU B 143 1.99 -8.00 0.28
C LEU B 143 1.24 -8.77 1.36
N TYR B 144 -0.08 -8.76 1.29
CA TYR B 144 -0.89 -9.39 2.32
C TYR B 144 -0.67 -10.90 2.52
N ALA B 145 0.24 -11.47 1.74
CA ALA B 145 0.58 -12.88 1.88
C ALA B 145 1.25 -13.05 3.25
N GLY B 146 1.95 -12.00 3.69
CA GLY B 146 2.61 -12.03 4.98
C GLY B 146 3.93 -12.78 5.06
N ILE B 147 4.68 -12.83 3.96
CA ILE B 147 5.98 -13.50 3.95
C ILE B 147 7.01 -12.51 4.49
N GLU B 148 7.44 -12.69 5.74
CA GLU B 148 8.39 -11.75 6.33
C GLU B 148 9.63 -12.36 6.99
N HIS B 149 10.72 -11.61 6.94
CA HIS B 149 11.97 -12.04 7.55
C HIS B 149 12.69 -10.82 8.13
N MET B 150 13.22 -10.95 9.33
CA MET B 150 13.98 -9.87 9.93
C MET B 150 15.36 -10.01 9.32
N GLN B 151 15.69 -9.11 8.39
CA GLN B 151 16.98 -9.13 7.71
C GLN B 151 18.09 -8.96 8.76
N THR B 152 17.84 -8.11 9.73
CA THR B 152 18.77 -7.89 10.83
C THR B 152 17.85 -7.70 12.03
N PRO B 153 18.41 -7.60 13.24
CA PRO B 153 17.57 -7.42 14.42
C PRO B 153 16.70 -6.16 14.34
N SER B 154 17.14 -5.17 13.55
CA SER B 154 16.40 -3.93 13.44
C SER B 154 15.88 -3.58 12.05
N VAL B 155 15.97 -4.50 11.10
CA VAL B 155 15.46 -4.23 9.76
C VAL B 155 14.55 -5.37 9.33
N ALA B 156 13.29 -5.04 9.13
CA ALA B 156 12.26 -6.01 8.75
C ALA B 156 11.98 -5.95 7.25
N GLN B 157 11.63 -7.10 6.70
CA GLN B 157 11.34 -7.19 5.28
C GLN B 157 10.09 -8.00 4.99
N THR B 158 9.26 -7.48 4.09
CA THR B 158 8.05 -8.17 3.66
C THR B 158 8.18 -8.32 2.16
N LEU B 159 7.80 -9.47 1.63
CA LEU B 159 7.85 -9.69 0.19
C LEU B 159 6.53 -9.32 -0.47
N LYS B 160 6.62 -8.59 -1.58
CA LYS B 160 5.44 -8.22 -2.35
C LYS B 160 5.60 -9.06 -3.61
N LEU B 161 4.74 -10.05 -3.79
CA LEU B 161 4.82 -10.91 -4.97
C LEU B 161 3.61 -10.70 -5.88
N ILE B 162 3.88 -10.42 -7.15
CA ILE B 162 2.81 -10.23 -8.13
C ILE B 162 3.08 -11.18 -9.29
N SER B 163 2.12 -12.04 -9.63
CA SER B 163 2.32 -13.00 -10.71
C SER B 163 1.52 -12.66 -11.96
N TRP B 164 2.00 -13.13 -13.10
CA TRP B 164 1.28 -12.89 -14.34
C TRP B 164 -0.04 -13.64 -14.21
N LYS B 165 0.02 -14.87 -13.71
CA LYS B 165 -1.19 -15.68 -13.54
C LYS B 165 -2.26 -14.96 -12.72
N GLY B 166 -1.88 -14.49 -11.53
CA GLY B 166 -2.84 -13.80 -10.68
C GLY B 166 -3.33 -12.48 -11.23
N SER B 167 -2.45 -11.75 -11.90
CA SER B 167 -2.81 -10.46 -12.47
C SER B 167 -3.72 -10.65 -13.67
N GLU B 168 -3.40 -11.63 -14.51
CA GLU B 168 -4.20 -11.93 -15.70
C GLU B 168 -5.62 -12.27 -15.27
N LYS B 169 -5.75 -13.11 -14.25
CA LYS B 169 -7.06 -13.52 -13.76
C LYS B 169 -7.90 -12.37 -13.20
N ILE B 170 -7.30 -11.53 -12.36
CA ILE B 170 -8.04 -10.43 -11.76
C ILE B 170 -8.50 -9.38 -12.78
N VAL B 171 -7.68 -9.05 -13.75
CA VAL B 171 -8.11 -8.05 -14.73
C VAL B 171 -9.19 -8.62 -15.65
N ARG B 172 -9.09 -9.90 -16.00
CA ARG B 172 -10.09 -10.52 -16.86
C ARG B 172 -11.43 -10.54 -16.12
N PHE B 173 -11.37 -10.85 -14.83
CA PHE B 173 -12.58 -10.89 -14.02
C PHE B 173 -13.25 -9.52 -14.02
N ALA B 174 -12.44 -8.47 -13.84
CA ALA B 174 -12.94 -7.11 -13.83
C ALA B 174 -13.67 -6.77 -15.13
N PHE B 175 -13.07 -7.12 -16.26
CA PHE B 175 -13.70 -6.85 -17.56
C PHE B 175 -15.00 -7.62 -17.72
N GLU B 176 -15.01 -8.88 -17.31
CA GLU B 176 -16.23 -9.69 -17.39
C GLU B 176 -17.30 -9.08 -16.49
N LEU B 177 -16.89 -8.62 -15.32
CA LEU B 177 -17.83 -8.02 -14.37
C LEU B 177 -18.40 -6.75 -14.99
N ALA B 178 -17.55 -5.95 -15.61
CA ALA B 178 -17.98 -4.71 -16.25
C ALA B 178 -19.02 -5.02 -17.32
N ARG B 179 -18.65 -5.93 -18.22
CA ARG B 179 -19.52 -6.33 -19.31
C ARG B 179 -20.82 -6.96 -18.80
N ALA B 180 -20.79 -7.52 -17.58
CA ALA B 180 -21.96 -8.16 -17.01
C ALA B 180 -22.90 -7.20 -16.27
N GLU B 181 -22.37 -6.05 -15.86
CA GLU B 181 -23.19 -5.08 -15.15
C GLU B 181 -23.50 -3.86 -16.02
N GLY B 182 -23.20 -3.98 -17.32
CA GLY B 182 -23.47 -2.89 -18.23
C GLY B 182 -22.56 -1.69 -18.06
N ARG B 183 -21.41 -1.88 -17.45
CA ARG B 183 -20.45 -0.79 -17.26
C ARG B 183 -19.55 -0.72 -18.49
N LYS B 184 -19.35 0.49 -19.00
CA LYS B 184 -18.55 0.68 -20.21
C LYS B 184 -17.12 1.12 -19.94
N LYS B 185 -16.68 1.05 -18.69
CA LYS B 185 -15.33 1.49 -18.39
C LYS B 185 -14.71 0.80 -17.18
N VAL B 186 -13.42 0.48 -17.29
CA VAL B 186 -12.69 -0.15 -16.19
C VAL B 186 -11.41 0.62 -15.95
N HIS B 187 -11.19 1.00 -14.70
CA HIS B 187 -9.97 1.71 -14.35
C HIS B 187 -9.03 0.74 -13.65
N CYS B 188 -7.76 0.80 -14.01
CA CYS B 188 -6.76 -0.05 -13.38
C CYS B 188 -5.83 0.89 -12.61
N ALA B 189 -5.89 0.81 -11.29
CA ALA B 189 -5.06 1.67 -10.45
C ALA B 189 -3.81 0.92 -10.01
N THR B 190 -2.64 1.46 -10.30
CA THR B 190 -1.38 0.83 -9.91
C THR B 190 -0.33 1.86 -9.52
N LYS B 191 0.77 1.38 -8.96
CA LYS B 191 1.87 2.26 -8.62
C LYS B 191 3.03 1.76 -9.50
N SER B 192 2.72 1.56 -10.78
CA SER B 192 3.69 1.07 -11.75
C SER B 192 4.83 2.04 -12.03
N ASN B 193 4.71 3.29 -11.61
CA ASN B 193 5.79 4.24 -11.85
C ASN B 193 6.96 3.94 -10.90
N ILE B 194 6.63 3.41 -9.73
CA ILE B 194 7.65 3.08 -8.73
C ILE B 194 8.03 1.60 -8.79
N MET B 195 7.03 0.73 -8.84
CA MET B 195 7.27 -0.71 -8.90
C MET B 195 6.98 -1.19 -10.32
N LYS B 196 7.93 -0.90 -11.20
CA LYS B 196 7.81 -1.22 -12.61
C LYS B 196 7.62 -2.70 -12.89
N LEU B 197 8.26 -3.56 -12.10
CA LEU B 197 8.13 -5.00 -12.32
C LEU B 197 6.88 -5.59 -11.67
N ALA B 198 6.67 -5.33 -10.38
CA ALA B 198 5.53 -5.88 -9.65
C ALA B 198 4.18 -5.27 -10.03
N GLU B 199 4.01 -3.97 -9.74
CA GLU B 199 2.76 -3.30 -10.08
C GLU B 199 2.59 -3.26 -11.59
N GLY B 200 3.72 -3.13 -12.29
CA GLY B 200 3.70 -3.08 -13.74
C GLY B 200 3.15 -4.36 -14.34
N THR B 201 3.21 -5.46 -13.59
CA THR B 201 2.69 -6.73 -14.07
C THR B 201 1.17 -6.59 -14.22
N LEU B 202 0.53 -5.94 -13.26
CA LEU B 202 -0.91 -5.75 -13.34
C LEU B 202 -1.24 -4.82 -14.51
N LYS B 203 -0.44 -3.76 -14.66
CA LYS B 203 -0.66 -2.82 -15.75
C LYS B 203 -0.59 -3.51 -17.11
N ARG B 204 0.46 -4.30 -17.31
CA ARG B 204 0.64 -5.01 -18.57
C ARG B 204 -0.43 -6.08 -18.82
N ALA B 205 -0.86 -6.77 -17.76
CA ALA B 205 -1.89 -7.79 -17.89
C ALA B 205 -3.19 -7.09 -18.27
N PHE B 206 -3.42 -5.95 -17.63
CA PHE B 206 -4.61 -5.15 -17.88
C PHE B 206 -4.70 -4.75 -19.35
N GLU B 207 -3.60 -4.24 -19.88
CA GLU B 207 -3.56 -3.78 -21.27
C GLU B 207 -3.71 -4.92 -22.28
N GLN B 208 -3.07 -6.05 -22.03
CA GLN B 208 -3.17 -7.16 -22.97
C GLN B 208 -4.55 -7.82 -22.94
N VAL B 209 -5.14 -7.98 -21.76
CA VAL B 209 -6.47 -8.56 -21.64
C VAL B 209 -7.52 -7.60 -22.20
N ALA B 210 -7.26 -6.30 -22.10
CA ALA B 210 -8.20 -5.29 -22.59
C ALA B 210 -8.45 -5.47 -24.10
N GLN B 211 -7.43 -5.94 -24.81
CA GLN B 211 -7.54 -6.14 -26.26
C GLN B 211 -8.66 -7.12 -26.61
N GLU B 212 -9.10 -7.90 -25.63
CA GLU B 212 -10.16 -8.88 -25.84
C GLU B 212 -11.53 -8.29 -25.52
N TYR B 213 -11.54 -7.07 -24.99
CA TYR B 213 -12.79 -6.40 -24.63
C TYR B 213 -12.86 -5.02 -25.26
N PRO B 214 -12.87 -4.96 -26.60
CA PRO B 214 -12.94 -3.68 -27.30
C PRO B 214 -14.21 -2.89 -26.96
N ASP B 215 -15.20 -3.57 -26.41
CA ASP B 215 -16.44 -2.92 -26.03
C ASP B 215 -16.30 -2.12 -24.73
N ILE B 216 -15.22 -2.39 -24.00
CA ILE B 216 -14.97 -1.70 -22.73
C ILE B 216 -13.80 -0.71 -22.82
N GLU B 217 -13.98 0.45 -22.20
CA GLU B 217 -12.88 1.43 -22.21
C GLU B 217 -11.97 1.16 -21.04
N ALA B 218 -10.71 0.88 -21.37
CA ALA B 218 -9.70 0.55 -20.37
C ALA B 218 -8.83 1.75 -20.04
N VAL B 219 -8.85 2.18 -18.78
CA VAL B 219 -8.05 3.33 -18.37
C VAL B 219 -7.12 3.01 -17.20
N HIS B 220 -5.84 3.34 -17.37
CA HIS B 220 -4.89 3.12 -16.28
C HIS B 220 -4.79 4.42 -15.51
N ILE B 221 -4.60 4.33 -14.20
CA ILE B 221 -4.49 5.51 -13.36
C ILE B 221 -3.55 5.16 -12.22
N ILE B 222 -2.69 6.10 -11.82
CA ILE B 222 -1.77 5.83 -10.73
C ILE B 222 -2.59 5.85 -9.44
N VAL B 223 -2.31 4.90 -8.54
CA VAL B 223 -3.08 4.75 -7.30
C VAL B 223 -3.25 5.98 -6.41
N ASP B 224 -2.23 6.82 -6.30
CA ASP B 224 -2.38 8.02 -5.46
C ASP B 224 -3.40 8.97 -6.09
N ASN B 225 -3.24 9.27 -7.37
CA ASN B 225 -4.20 10.15 -8.03
C ASN B 225 -5.59 9.52 -7.94
N ALA B 226 -5.63 8.19 -7.98
CA ALA B 226 -6.90 7.46 -7.90
C ALA B 226 -7.63 7.73 -6.57
N ALA B 227 -6.89 7.76 -5.47
CA ALA B 227 -7.57 8.03 -4.21
C ALA B 227 -8.14 9.45 -4.20
N HIS B 228 -7.31 10.38 -4.68
CA HIS B 228 -7.69 11.77 -4.81
C HIS B 228 -8.99 11.91 -5.64
N GLN B 229 -8.97 11.23 -6.81
CA GLN B 229 -10.14 11.26 -7.69
C GLN B 229 -11.36 10.59 -7.05
N LEU B 230 -11.17 9.50 -6.30
CA LEU B 230 -12.29 8.83 -5.65
C LEU B 230 -12.96 9.71 -4.60
N VAL B 231 -12.20 10.65 -4.03
CA VAL B 231 -12.76 11.54 -3.04
C VAL B 231 -13.31 12.79 -3.73
N LYS B 232 -12.56 13.31 -4.69
CA LYS B 232 -13.00 14.51 -5.39
C LYS B 232 -14.17 14.29 -6.34
N ARG B 233 -14.09 13.24 -7.15
CA ARG B 233 -15.14 12.96 -8.11
C ARG B 233 -15.36 11.45 -8.31
N PRO B 234 -15.89 10.77 -7.29
CA PRO B 234 -16.13 9.33 -7.37
C PRO B 234 -17.14 8.89 -8.43
N GLU B 235 -18.02 9.79 -8.84
CA GLU B 235 -19.04 9.46 -9.83
C GLU B 235 -18.48 9.17 -11.22
N GLN B 236 -17.19 9.43 -11.42
CA GLN B 236 -16.56 9.19 -12.72
C GLN B 236 -16.21 7.71 -12.88
N PHE B 237 -16.10 7.00 -11.76
CA PHE B 237 -15.72 5.60 -11.77
C PHE B 237 -16.88 4.61 -11.84
N GLU B 238 -16.62 3.47 -12.45
CA GLU B 238 -17.59 2.40 -12.57
C GLU B 238 -16.93 1.16 -11.96
N VAL B 239 -15.90 0.67 -12.64
CA VAL B 239 -15.16 -0.49 -12.14
C VAL B 239 -13.70 -0.12 -11.95
N ILE B 240 -13.16 -0.45 -10.78
CA ILE B 240 -11.77 -0.17 -10.48
C ILE B 240 -11.12 -1.48 -10.10
N VAL B 241 -10.04 -1.84 -10.80
CA VAL B 241 -9.35 -3.08 -10.49
C VAL B 241 -7.95 -2.71 -10.04
N THR B 242 -7.49 -3.34 -8.97
CA THR B 242 -6.18 -3.01 -8.45
C THR B 242 -5.62 -4.18 -7.64
N THR B 243 -4.34 -4.10 -7.28
CA THR B 243 -3.70 -5.14 -6.51
C THR B 243 -4.25 -5.17 -5.07
N ASN B 244 -3.95 -6.27 -4.38
CA ASN B 244 -4.44 -6.53 -3.02
C ASN B 244 -4.42 -5.39 -2.00
N MET B 245 -3.22 -4.90 -1.67
CA MET B 245 -3.11 -3.84 -0.67
C MET B 245 -3.76 -2.53 -1.14
N ASN B 246 -3.51 -2.13 -2.38
CA ASN B 246 -4.12 -0.90 -2.89
C ASN B 246 -5.64 -1.00 -2.77
N GLY B 247 -6.20 -2.15 -3.13
CA GLY B 247 -7.64 -2.35 -3.07
C GLY B 247 -8.19 -2.32 -1.66
N ASP B 248 -7.40 -2.79 -0.70
CA ASP B 248 -7.81 -2.80 0.68
C ASP B 248 -8.09 -1.36 1.13
N ILE B 249 -7.19 -0.46 0.80
CA ILE B 249 -7.33 0.93 1.18
C ILE B 249 -8.39 1.67 0.38
N LEU B 250 -8.36 1.55 -0.95
CA LEU B 250 -9.33 2.23 -1.79
C LEU B 250 -10.77 1.77 -1.52
N SER B 251 -10.96 0.49 -1.23
CA SER B 251 -12.31 0.01 -0.98
C SER B 251 -12.90 0.58 0.31
N ASP B 252 -12.06 0.76 1.32
CA ASP B 252 -12.53 1.33 2.57
C ASP B 252 -12.74 2.83 2.41
N LEU B 253 -11.96 3.43 1.53
CA LEU B 253 -12.07 4.85 1.23
C LEU B 253 -13.44 5.11 0.60
N THR B 254 -13.85 4.22 -0.30
CA THR B 254 -15.13 4.38 -0.99
C THR B 254 -16.33 4.13 -0.07
N SER B 255 -16.16 3.27 0.93
CA SER B 255 -17.26 2.97 1.85
C SER B 255 -17.62 4.21 2.66
N GLY B 256 -16.63 5.04 2.93
CA GLY B 256 -16.87 6.25 3.69
C GLY B 256 -17.61 7.29 2.89
N LEU B 257 -17.87 6.99 1.62
CA LEU B 257 -18.58 7.90 0.73
C LEU B 257 -20.08 7.69 0.79
N ILE B 258 -20.51 6.56 1.35
CA ILE B 258 -21.94 6.26 1.39
C ILE B 258 -22.53 5.76 2.70
N GLY B 259 -21.83 5.99 3.82
CA GLY B 259 -22.38 5.55 5.09
C GLY B 259 -21.41 4.83 6.01
N GLY B 260 -20.26 4.44 5.48
CA GLY B 260 -19.29 3.74 6.31
C GLY B 260 -19.29 2.24 6.14
N LEU B 261 -18.39 1.57 6.86
CA LEU B 261 -18.25 0.12 6.78
C LEU B 261 -19.51 -0.66 7.13
N GLY B 262 -20.45 -0.04 7.81
CA GLY B 262 -21.68 -0.74 8.16
C GLY B 262 -22.54 -1.05 6.94
N PHE B 263 -22.18 -0.46 5.81
CA PHE B 263 -22.94 -0.65 4.56
C PHE B 263 -22.10 -1.20 3.40
N ALA B 264 -20.99 -1.85 3.71
CA ALA B 264 -20.10 -2.38 2.67
C ALA B 264 -20.02 -3.90 2.61
N PRO B 265 -20.75 -4.52 1.67
CA PRO B 265 -20.75 -5.98 1.53
C PRO B 265 -19.65 -6.39 0.55
N SER B 266 -19.35 -7.67 0.47
CA SER B 266 -18.31 -8.14 -0.44
C SER B 266 -18.47 -9.60 -0.79
N ALA B 267 -17.85 -9.99 -1.90
CA ALA B 267 -17.88 -11.37 -2.36
C ALA B 267 -16.48 -11.78 -2.73
N ASN B 268 -16.03 -12.91 -2.17
CA ASN B 268 -14.71 -13.45 -2.47
C ASN B 268 -15.03 -14.55 -3.48
N ILE B 269 -14.73 -14.29 -4.76
CA ILE B 269 -15.03 -15.25 -5.82
C ILE B 269 -13.86 -15.99 -6.44
N GLY B 270 -14.04 -17.30 -6.57
CA GLY B 270 -13.06 -18.16 -7.20
C GLY B 270 -13.83 -19.12 -8.10
N ASN B 271 -13.13 -19.98 -8.83
CA ASN B 271 -13.82 -20.92 -9.71
C ASN B 271 -14.44 -22.08 -8.95
N GLU B 272 -13.84 -22.46 -7.83
CA GLU B 272 -14.31 -23.60 -7.05
C GLU B 272 -15.03 -23.26 -5.76
N VAL B 273 -14.85 -22.03 -5.27
CA VAL B 273 -15.45 -21.61 -4.02
C VAL B 273 -15.85 -20.13 -4.01
N ALA B 274 -16.85 -19.80 -3.21
CA ALA B 274 -17.30 -18.41 -3.08
C ALA B 274 -17.54 -18.12 -1.60
N ILE B 275 -16.96 -17.02 -1.12
CA ILE B 275 -17.11 -16.64 0.28
C ILE B 275 -17.70 -15.23 0.38
N PHE B 276 -18.84 -15.14 1.04
CA PHE B 276 -19.54 -13.87 1.20
C PHE B 276 -19.34 -13.35 2.62
N GLU B 277 -18.97 -12.09 2.72
CA GLU B 277 -18.69 -11.46 3.99
C GLU B 277 -18.70 -9.95 3.86
N ALA B 278 -18.81 -9.25 4.99
CA ALA B 278 -18.79 -7.81 4.96
C ALA B 278 -17.34 -7.38 4.81
N VAL B 279 -17.13 -6.12 4.45
CA VAL B 279 -15.79 -5.58 4.29
C VAL B 279 -15.23 -5.25 5.67
N HIS B 280 -16.12 -4.96 6.61
CA HIS B 280 -15.73 -4.58 7.97
C HIS B 280 -15.20 -5.71 8.85
N GLY B 281 -14.57 -5.31 9.96
CA GLY B 281 -14.00 -6.27 10.89
C GLY B 281 -14.84 -6.66 12.08
N SER B 282 -14.18 -7.18 13.11
CA SER B 282 -14.86 -7.77 14.26
C SER B 282 -15.30 -6.68 15.26
N ALA B 283 -14.79 -5.47 15.04
CA ALA B 283 -15.19 -4.27 15.81
C ALA B 283 -15.41 -4.53 17.32
N PRO B 284 -14.30 -4.73 18.06
CA PRO B 284 -14.37 -5.35 19.39
C PRO B 284 -15.20 -4.51 20.39
N LYS B 285 -15.15 -3.17 20.23
CA LYS B 285 -15.78 -2.30 21.22
C LYS B 285 -17.31 -2.31 21.13
N TYR B 286 -17.85 -2.75 20.00
CA TYR B 286 -19.30 -2.88 19.86
C TYR B 286 -19.78 -4.29 20.11
N ALA B 287 -18.85 -5.23 20.25
CA ALA B 287 -19.20 -6.63 20.47
C ALA B 287 -20.08 -6.86 21.69
N GLY B 288 -21.18 -7.59 21.48
CA GLY B 288 -22.09 -7.91 22.56
C GLY B 288 -22.98 -6.80 23.09
N LYS B 289 -22.90 -5.62 22.50
CA LYS B 289 -23.71 -4.50 22.96
C LYS B 289 -25.01 -4.30 22.17
N ASN B 290 -25.31 -5.23 21.27
CA ASN B 290 -26.53 -5.18 20.46
C ASN B 290 -26.77 -3.80 19.82
N VAL B 291 -25.72 -3.20 19.28
CA VAL B 291 -25.86 -1.88 18.64
C VAL B 291 -25.24 -1.85 17.25
N ILE B 292 -24.53 -2.91 16.90
CA ILE B 292 -23.86 -2.98 15.61
C ILE B 292 -24.82 -3.06 14.41
N ASN B 293 -24.45 -2.40 13.32
CA ASN B 293 -25.25 -2.39 12.10
C ASN B 293 -24.97 -3.65 11.28
N PRO B 294 -25.95 -4.56 11.16
CA PRO B 294 -25.82 -5.80 10.42
C PRO B 294 -26.07 -5.70 8.92
N THR B 295 -26.21 -4.48 8.41
CA THR B 295 -26.51 -4.29 7.00
C THR B 295 -25.49 -4.90 6.04
N ALA B 296 -24.20 -4.64 6.28
CA ALA B 296 -23.14 -5.16 5.43
C ALA B 296 -23.19 -6.67 5.28
N VAL B 297 -23.32 -7.39 6.38
CA VAL B 297 -23.38 -8.85 6.34
C VAL B 297 -24.66 -9.30 5.66
N LEU B 298 -25.76 -8.62 5.94
CA LEU B 298 -27.04 -8.96 5.34
C LEU B 298 -26.95 -8.87 3.82
N LEU B 299 -26.43 -7.75 3.31
CA LEU B 299 -26.29 -7.55 1.87
C LEU B 299 -25.33 -8.57 1.26
N SER B 300 -24.39 -9.07 2.05
CA SER B 300 -23.45 -10.06 1.56
C SER B 300 -24.20 -11.36 1.34
N ALA B 301 -25.15 -11.64 2.24
CA ALA B 301 -25.97 -12.83 2.14
C ALA B 301 -26.86 -12.71 0.91
N VAL B 302 -27.19 -11.46 0.57
CA VAL B 302 -28.01 -11.19 -0.62
C VAL B 302 -27.15 -11.47 -1.85
N MET B 303 -25.88 -11.08 -1.81
CA MET B 303 -24.98 -11.35 -2.93
C MET B 303 -24.86 -12.85 -3.06
N MET B 304 -24.82 -13.54 -1.92
CA MET B 304 -24.71 -14.99 -1.87
C MET B 304 -25.95 -15.63 -2.48
N LEU B 305 -27.12 -15.09 -2.13
CA LEU B 305 -28.38 -15.63 -2.65
C LEU B 305 -28.41 -15.57 -4.17
N ARG B 306 -27.98 -14.44 -4.73
CA ARG B 306 -28.00 -14.33 -6.18
C ARG B 306 -26.96 -15.25 -6.79
N TYR B 307 -25.84 -15.46 -6.11
CA TYR B 307 -24.83 -16.40 -6.58
C TYR B 307 -25.48 -17.78 -6.66
N LEU B 308 -26.31 -18.07 -5.67
CA LEU B 308 -27.01 -19.35 -5.58
C LEU B 308 -28.21 -19.42 -6.53
N GLU B 309 -28.43 -18.35 -7.26
CA GLU B 309 -29.54 -18.25 -8.22
C GLU B 309 -30.90 -18.24 -7.52
N GLU B 310 -30.91 -17.76 -6.28
CA GLU B 310 -32.14 -17.64 -5.51
C GLU B 310 -32.49 -16.16 -5.59
N PHE B 311 -32.71 -15.71 -6.82
CA PHE B 311 -33.01 -14.31 -7.11
C PHE B 311 -34.25 -13.77 -6.40
N ALA B 312 -35.30 -14.58 -6.31
CA ALA B 312 -36.53 -14.15 -5.65
C ALA B 312 -36.26 -13.78 -4.20
N THR B 313 -35.59 -14.66 -3.46
CA THR B 313 -35.29 -14.41 -2.06
C THR B 313 -34.37 -13.21 -1.90
N ALA B 314 -33.40 -13.08 -2.80
CA ALA B 314 -32.46 -11.97 -2.77
C ALA B 314 -33.22 -10.66 -2.89
N ASP B 315 -34.13 -10.59 -3.87
CA ASP B 315 -34.92 -9.38 -4.08
C ASP B 315 -35.83 -9.11 -2.87
N LEU B 316 -36.44 -10.16 -2.35
CA LEU B 316 -37.34 -10.03 -1.20
C LEU B 316 -36.60 -9.41 -0.02
N ILE B 317 -35.51 -10.06 0.38
CA ILE B 317 -34.71 -9.59 1.49
C ILE B 317 -34.14 -8.21 1.24
N GLU B 318 -33.56 -7.99 0.07
CA GLU B 318 -32.98 -6.69 -0.25
C GLU B 318 -34.01 -5.57 -0.32
N ASN B 319 -35.21 -5.88 -0.78
CA ASN B 319 -36.26 -4.87 -0.86
C ASN B 319 -36.70 -4.51 0.54
N ALA B 320 -36.81 -5.52 1.40
CA ALA B 320 -37.20 -5.30 2.78
C ALA B 320 -36.20 -4.35 3.42
N LEU B 321 -34.91 -4.66 3.29
CA LEU B 321 -33.86 -3.83 3.84
C LEU B 321 -33.98 -2.40 3.34
N LEU B 322 -34.02 -2.25 2.02
CA LEU B 322 -34.11 -0.93 1.42
C LEU B 322 -35.37 -0.19 1.82
N TYR B 323 -36.47 -0.92 1.94
CA TYR B 323 -37.74 -0.32 2.33
C TYR B 323 -37.58 0.29 3.72
N THR B 324 -36.92 -0.47 4.60
CA THR B 324 -36.67 -0.02 5.97
C THR B 324 -35.87 1.27 5.99
N LEU B 325 -34.83 1.34 5.16
CA LEU B 325 -34.00 2.53 5.09
C LEU B 325 -34.78 3.69 4.48
N GLU B 326 -35.62 3.39 3.50
CA GLU B 326 -36.40 4.41 2.84
C GLU B 326 -37.39 5.04 3.82
N GLU B 327 -37.98 4.21 4.67
CA GLU B 327 -38.93 4.69 5.66
C GLU B 327 -38.21 5.47 6.76
N GLY B 328 -36.96 5.09 7.02
CA GLY B 328 -36.16 5.79 8.01
C GLY B 328 -36.69 5.85 9.43
N ARG B 329 -37.41 4.80 9.86
CA ARG B 329 -37.96 4.77 11.20
C ARG B 329 -37.00 4.05 12.14
N VAL B 330 -36.33 3.03 11.62
CA VAL B 330 -35.40 2.25 12.41
C VAL B 330 -34.00 2.28 11.78
N LEU B 331 -33.18 3.23 12.23
CA LEU B 331 -31.83 3.37 11.72
C LEU B 331 -30.82 3.08 12.83
N THR B 332 -29.75 2.39 12.49
CA THR B 332 -28.73 2.02 13.46
C THR B 332 -27.85 3.17 13.91
N GLY B 333 -27.12 2.93 15.00
CA GLY B 333 -26.25 3.94 15.58
C GLY B 333 -25.23 4.58 14.66
N ASP B 334 -24.76 3.85 13.66
CA ASP B 334 -23.76 4.40 12.74
C ASP B 334 -24.38 5.43 11.78
N VAL B 335 -25.71 5.53 11.80
CA VAL B 335 -26.40 6.46 10.92
C VAL B 335 -26.95 7.67 11.68
N VAL B 336 -27.56 7.42 12.83
CA VAL B 336 -28.16 8.50 13.62
C VAL B 336 -27.50 8.76 14.98
N GLY B 337 -26.41 8.04 15.26
CA GLY B 337 -25.74 8.22 16.54
C GLY B 337 -26.09 7.10 17.48
N TYR B 338 -25.12 6.68 18.29
CA TYR B 338 -25.33 5.58 19.22
C TYR B 338 -26.15 5.97 20.44
N ASP B 339 -26.61 7.21 20.45
CA ASP B 339 -27.42 7.73 21.55
C ASP B 339 -28.90 7.62 21.19
N ARG B 340 -29.18 7.47 19.90
CA ARG B 340 -30.54 7.37 19.41
C ARG B 340 -30.72 6.21 18.42
N GLY B 341 -29.63 5.52 18.12
CA GLY B 341 -29.69 4.42 17.18
C GLY B 341 -30.46 3.21 17.65
N ALA B 342 -31.18 2.59 16.71
CA ALA B 342 -31.97 1.40 17.03
C ALA B 342 -31.04 0.24 17.37
N LYS B 343 -31.53 -0.67 18.19
CA LYS B 343 -30.73 -1.84 18.57
C LYS B 343 -30.63 -2.77 17.38
N THR B 344 -29.61 -3.62 17.38
CA THR B 344 -29.41 -4.56 16.28
C THR B 344 -30.64 -5.45 16.11
N THR B 345 -31.15 -5.96 17.23
CA THR B 345 -32.33 -6.82 17.20
C THR B 345 -33.57 -6.10 16.69
N GLU B 346 -33.67 -4.81 16.99
CA GLU B 346 -34.82 -4.01 16.56
C GLU B 346 -34.75 -3.74 15.06
N TYR B 347 -33.54 -3.44 14.60
CA TYR B 347 -33.31 -3.16 13.18
C TYR B 347 -33.68 -4.41 12.40
N THR B 348 -33.24 -5.55 12.91
CA THR B 348 -33.52 -6.84 12.29
C THR B 348 -35.03 -7.06 12.22
N GLU B 349 -35.69 -6.90 13.36
CA GLU B 349 -37.13 -7.10 13.44
C GLU B 349 -37.89 -6.24 12.42
N ALA B 350 -37.47 -4.99 12.28
CA ALA B 350 -38.10 -4.08 11.34
C ALA B 350 -38.01 -4.62 9.92
N ILE B 351 -36.82 -5.09 9.54
CA ILE B 351 -36.60 -5.63 8.21
C ILE B 351 -37.48 -6.85 7.96
N ILE B 352 -37.55 -7.73 8.95
CA ILE B 352 -38.37 -8.93 8.82
C ILE B 352 -39.83 -8.54 8.65
N GLN B 353 -40.24 -7.49 9.35
CA GLN B 353 -41.62 -7.01 9.25
C GLN B 353 -41.90 -6.46 7.87
N ASN B 354 -40.86 -5.93 7.22
CA ASN B 354 -41.02 -5.36 5.89
C ASN B 354 -40.81 -6.33 4.74
N LEU B 355 -40.69 -7.61 5.04
CA LEU B 355 -40.51 -8.60 3.98
C LEU B 355 -41.74 -8.58 3.08
N GLY B 356 -41.62 -7.91 1.93
CA GLY B 356 -42.72 -7.84 1.00
C GLY B 356 -43.16 -6.43 0.59
N LYS B 357 -42.49 -5.42 1.11
CA LYS B 357 -42.84 -4.02 0.80
C LYS B 357 -42.30 -3.46 -0.51
N THR B 358 -42.78 -2.28 -0.89
CA THR B 358 -42.40 -1.63 -2.13
C THR B 358 -41.41 -0.47 -1.99
N PRO B 359 -40.11 -0.73 -2.13
CA PRO B 359 -39.15 0.39 -2.02
C PRO B 359 -39.41 1.35 -3.17
N ARG B 360 -39.88 2.55 -2.84
CA ARG B 360 -40.21 3.58 -3.83
C ARG B 360 -39.10 3.77 -4.87
N LYS B 361 -37.92 4.15 -4.39
CA LYS B 361 -36.76 4.02 -5.27
C LYS B 361 -36.31 2.55 -5.35
N THR B 362 -37.07 1.74 -6.14
CA THR B 362 -36.72 0.32 -6.25
C THR B 362 -35.33 0.14 -6.85
N GLN B 363 -34.30 0.43 -6.02
CA GLN B 363 -32.94 0.27 -6.50
C GLN B 363 -32.36 -1.09 -6.15
N VAL B 364 -33.18 -2.15 -6.35
CA VAL B 364 -32.60 -3.48 -6.28
C VAL B 364 -31.46 -3.43 -7.30
N ARG B 365 -30.25 -3.72 -6.82
CA ARG B 365 -29.08 -3.52 -7.66
C ARG B 365 -29.24 -4.31 -8.96
N GLY B 366 -28.74 -3.69 -10.05
CA GLY B 366 -28.79 -4.35 -11.35
C GLY B 366 -27.59 -5.27 -11.56
N TYR B 367 -27.89 -6.58 -11.62
CA TYR B 367 -26.85 -7.59 -11.70
C TYR B 367 -27.18 -8.64 -12.76
N LYS B 368 -26.24 -9.22 -13.52
CA LYS B 368 -26.54 -10.24 -14.50
C LYS B 368 -25.45 -11.31 -14.32
N PRO B 369 -25.86 -12.57 -14.11
CA PRO B 369 -24.87 -13.66 -13.94
C PRO B 369 -23.91 -13.79 -15.11
N PHE B 370 -22.63 -14.00 -14.80
CA PHE B 370 -21.64 -14.16 -15.86
C PHE B 370 -20.71 -15.33 -15.55
N ARG B 371 -20.40 -16.10 -16.58
CA ARG B 371 -19.53 -17.26 -16.45
C ARG B 371 -18.10 -16.82 -16.13
N LEU B 372 -17.48 -17.44 -15.15
CA LEU B 372 -16.12 -17.11 -14.78
C LEU B 372 -15.16 -17.61 -15.85
N PRO B 373 -14.11 -16.82 -16.14
CA PRO B 373 -13.13 -17.22 -17.15
C PRO B 373 -12.51 -18.57 -16.81
N GLN B 374 -12.25 -19.37 -17.82
CA GLN B 374 -11.64 -20.69 -17.62
C GLN B 374 -10.13 -20.57 -17.79
N VAL B 375 -9.41 -21.57 -17.27
CA VAL B 375 -7.95 -21.57 -17.37
C VAL B 375 -7.49 -21.76 -18.81
N ASP B 376 -8.21 -22.58 -19.56
CA ASP B 376 -7.85 -22.83 -20.95
C ASP B 376 -7.94 -21.58 -21.83
N GLY B 377 -8.61 -20.55 -21.32
CA GLY B 377 -8.73 -19.32 -22.09
C GLY B 377 -7.83 -18.21 -21.59
N ALA B 378 -7.11 -18.48 -20.51
CA ALA B 378 -6.21 -17.49 -19.93
C ALA B 378 -4.93 -17.32 -20.75
N ILE B 379 -4.38 -16.12 -20.74
CA ILE B 379 -3.14 -15.85 -21.45
C ILE B 379 -2.04 -16.44 -20.57
N ALA B 380 -1.41 -17.50 -21.05
CA ALA B 380 -0.36 -18.15 -20.27
C ALA B 380 0.91 -17.32 -20.26
N PRO B 381 1.71 -17.42 -19.19
CA PRO B 381 2.94 -16.64 -19.16
C PRO B 381 3.84 -17.14 -20.28
N ILE B 382 4.65 -16.25 -20.83
CA ILE B 382 5.55 -16.63 -21.92
C ILE B 382 6.84 -17.23 -21.42
N VAL B 383 7.29 -18.28 -22.10
CA VAL B 383 8.53 -18.95 -21.77
C VAL B 383 9.62 -18.24 -22.56
N PRO B 384 10.58 -17.60 -21.87
CA PRO B 384 11.68 -16.88 -22.52
C PRO B 384 12.37 -17.70 -23.59
N ARG B 385 12.81 -17.04 -24.65
CA ARG B 385 13.51 -17.70 -25.73
C ARG B 385 14.93 -17.95 -25.22
N SER B 386 15.44 -17.03 -24.42
CA SER B 386 16.77 -17.14 -23.84
C SER B 386 16.75 -16.53 -22.44
N ARG B 387 17.65 -17.02 -21.58
CA ARG B 387 17.74 -16.50 -20.22
C ARG B 387 19.13 -16.82 -19.71
N ARG B 388 19.63 -16.02 -18.79
CA ARG B 388 20.94 -16.25 -18.22
C ARG B 388 21.11 -15.57 -16.89
N VAL B 389 21.92 -16.16 -16.03
CA VAL B 389 22.20 -15.59 -14.71
C VAL B 389 23.40 -14.68 -14.93
N VAL B 390 23.23 -13.39 -14.62
CA VAL B 390 24.31 -12.44 -14.84
C VAL B 390 25.00 -11.94 -13.59
N GLY B 391 24.52 -12.37 -12.43
CA GLY B 391 25.13 -11.95 -11.20
C GLY B 391 24.32 -12.34 -9.98
N VAL B 392 24.68 -11.78 -8.82
CA VAL B 392 23.97 -12.08 -7.59
C VAL B 392 24.01 -10.91 -6.62
N ASP B 393 22.88 -10.67 -5.96
CA ASP B 393 22.78 -9.63 -4.95
C ASP B 393 22.94 -10.34 -3.61
N VAL B 394 23.96 -9.93 -2.85
CA VAL B 394 24.23 -10.52 -1.55
C VAL B 394 23.92 -9.47 -0.47
N PHE B 395 22.98 -9.78 0.41
CA PHE B 395 22.61 -8.86 1.48
C PHE B 395 23.37 -9.22 2.76
N VAL B 396 24.08 -8.26 3.33
CA VAL B 396 24.88 -8.47 4.54
C VAL B 396 24.47 -7.55 5.68
N GLU B 397 24.73 -8.00 6.90
CA GLU B 397 24.42 -7.23 8.09
C GLU B 397 25.75 -6.74 8.63
N THR B 398 25.94 -5.43 8.65
CA THR B 398 27.18 -4.84 9.14
C THR B 398 26.99 -3.35 9.32
N ASN B 399 27.84 -2.72 10.14
CA ASN B 399 27.76 -1.29 10.32
C ASN B 399 29.03 -0.66 9.80
N LEU B 400 29.81 -1.45 9.07
CA LEU B 400 31.03 -0.97 8.44
C LEU B 400 30.56 0.06 7.42
N LEU B 401 31.23 1.20 7.35
CA LEU B 401 30.86 2.25 6.41
C LEU B 401 30.99 1.78 4.96
N PRO B 402 30.15 2.32 4.06
CA PRO B 402 30.12 1.98 2.62
C PRO B 402 31.46 1.86 1.93
N GLU B 403 32.29 2.89 2.08
CA GLU B 403 33.59 2.90 1.42
C GLU B 403 34.42 1.67 1.79
N ALA B 404 34.54 1.41 3.10
CA ALA B 404 35.32 0.27 3.57
C ALA B 404 34.66 -1.04 3.20
N LEU B 405 33.33 -1.08 3.24
CA LEU B 405 32.63 -2.31 2.88
C LEU B 405 32.93 -2.61 1.41
N GLY B 406 32.90 -1.57 0.58
CA GLY B 406 33.17 -1.73 -0.83
C GLY B 406 34.55 -2.33 -1.08
N LYS B 407 35.56 -1.77 -0.43
CA LYS B 407 36.92 -2.25 -0.62
C LYS B 407 37.06 -3.69 -0.11
N ALA B 408 36.46 -3.98 1.04
CA ALA B 408 36.53 -5.31 1.61
C ALA B 408 35.94 -6.35 0.67
N LEU B 409 34.80 -6.03 0.06
CA LEU B 409 34.15 -6.97 -0.85
C LEU B 409 34.89 -7.13 -2.17
N GLU B 410 35.51 -6.05 -2.66
CA GLU B 410 36.26 -6.14 -3.90
C GLU B 410 37.41 -7.11 -3.66
N ASP B 411 38.03 -7.02 -2.48
CA ASP B 411 39.13 -7.90 -2.15
C ASP B 411 38.66 -9.35 -2.10
N LEU B 412 37.49 -9.57 -1.50
CA LEU B 412 36.96 -10.93 -1.38
C LEU B 412 36.56 -11.53 -2.72
N ALA B 413 36.15 -10.69 -3.66
CA ALA B 413 35.73 -11.17 -4.96
C ALA B 413 36.91 -11.35 -5.91
N ALA B 414 38.08 -10.85 -5.52
CA ALA B 414 39.27 -10.96 -6.37
C ALA B 414 39.56 -12.44 -6.57
N GLY B 415 39.74 -12.85 -7.82
CA GLY B 415 40.01 -14.24 -8.10
C GLY B 415 38.78 -14.99 -8.58
N THR B 416 37.61 -14.41 -8.35
CA THR B 416 36.36 -15.04 -8.78
C THR B 416 35.91 -14.39 -10.07
N PRO B 417 34.96 -15.02 -10.77
CA PRO B 417 34.46 -14.45 -12.02
C PRO B 417 33.36 -13.43 -11.74
N PHE B 418 33.50 -12.71 -10.62
CA PHE B 418 32.53 -11.71 -10.22
C PHE B 418 33.22 -10.41 -9.83
N ARG B 419 32.52 -9.29 -10.02
CA ARG B 419 33.03 -7.99 -9.63
C ARG B 419 31.95 -7.27 -8.82
N LEU B 420 32.34 -6.49 -7.83
CA LEU B 420 31.36 -5.75 -7.06
C LEU B 420 30.97 -4.56 -7.93
N LYS B 421 29.69 -4.48 -8.28
CA LYS B 421 29.20 -3.39 -9.12
C LYS B 421 28.86 -2.19 -8.25
N MET B 422 28.09 -2.43 -7.20
CA MET B 422 27.69 -1.35 -6.31
C MET B 422 27.09 -1.91 -5.03
N ILE B 423 26.86 -1.03 -4.07
CA ILE B 423 26.26 -1.41 -2.80
C ILE B 423 25.17 -0.40 -2.48
N SER B 424 24.03 -0.87 -1.99
CA SER B 424 22.96 0.03 -1.61
C SER B 424 22.56 -0.22 -0.17
N ASN B 425 21.87 0.76 0.41
CA ASN B 425 21.39 0.68 1.79
C ASN B 425 19.96 1.19 1.70
N ARG B 426 19.01 0.35 2.10
CA ARG B 426 17.58 0.68 2.02
C ARG B 426 17.23 1.07 0.59
N GLY B 427 17.95 0.48 -0.36
CA GLY B 427 17.68 0.74 -1.77
C GLY B 427 18.42 1.89 -2.42
N THR B 428 19.20 2.63 -1.62
CA THR B 428 19.95 3.78 -2.12
C THR B 428 21.42 3.43 -2.35
N GLN B 429 21.95 3.76 -3.52
CA GLN B 429 23.36 3.48 -3.75
C GLN B 429 24.19 4.25 -2.73
N VAL B 430 25.14 3.57 -2.11
CA VAL B 430 26.05 4.20 -1.15
C VAL B 430 27.50 3.90 -1.55
N TYR B 431 27.66 3.00 -2.51
CA TYR B 431 28.98 2.66 -3.05
C TYR B 431 28.80 2.29 -4.52
N PRO B 432 29.47 3.01 -5.43
CA PRO B 432 30.38 4.15 -5.18
C PRO B 432 29.61 5.28 -4.51
N PRO B 433 30.34 6.21 -3.84
CA PRO B 433 29.67 7.33 -3.18
C PRO B 433 28.91 8.18 -4.17
N THR B 434 27.82 8.79 -3.70
CA THR B 434 26.96 9.60 -4.55
C THR B 434 27.07 11.09 -4.28
N GLY B 435 27.67 11.45 -3.16
CA GLY B 435 27.78 12.86 -2.80
C GLY B 435 26.60 13.23 -1.92
N GLY B 436 25.76 12.25 -1.60
CA GLY B 436 24.60 12.52 -0.75
C GLY B 436 24.90 12.47 0.74
N LEU B 437 23.84 12.53 1.54
CA LEU B 437 23.95 12.50 2.99
C LEU B 437 22.98 11.45 3.55
N THR B 438 22.88 10.33 2.84
CA THR B 438 22.00 9.23 3.20
C THR B 438 22.33 8.63 4.57
N ASP B 439 21.32 8.40 5.40
CA ASP B 439 21.54 7.79 6.71
C ASP B 439 21.55 6.28 6.45
N LEU B 440 22.37 5.54 7.19
CA LEU B 440 22.50 4.10 6.98
C LEU B 440 21.99 3.19 8.08
N VAL B 441 21.38 2.07 7.69
CA VAL B 441 20.93 1.07 8.65
C VAL B 441 21.97 -0.05 8.52
N ASP B 442 21.92 -1.07 9.37
CA ASP B 442 22.93 -2.12 9.32
C ASP B 442 22.64 -3.24 8.33
N HIS B 443 22.01 -2.89 7.21
CA HIS B 443 21.65 -3.86 6.19
C HIS B 443 22.08 -3.27 4.84
N TYR B 444 22.89 -4.02 4.09
CA TYR B 444 23.39 -3.55 2.77
C TYR B 444 23.18 -4.60 1.69
N ARG B 445 22.77 -4.17 0.50
CA ARG B 445 22.60 -5.08 -0.62
C ARG B 445 23.84 -4.87 -1.48
N CYS B 446 24.58 -5.94 -1.71
CA CYS B 446 25.81 -5.87 -2.49
C CYS B 446 25.63 -6.57 -3.83
N ARG B 447 25.68 -5.80 -4.91
CA ARG B 447 25.50 -6.35 -6.24
C ARG B 447 26.79 -6.77 -6.93
N PHE B 448 26.86 -8.06 -7.25
CA PHE B 448 28.00 -8.65 -7.92
C PHE B 448 27.58 -9.03 -9.32
N LEU B 449 28.38 -8.66 -10.30
CA LEU B 449 28.07 -9.01 -11.70
C LEU B 449 29.05 -10.03 -12.21
N TYR B 450 28.56 -10.97 -13.00
CA TYR B 450 29.39 -12.02 -13.59
C TYR B 450 30.25 -11.35 -14.67
N THR B 451 31.53 -11.74 -14.72
CA THR B 451 32.45 -11.16 -15.70
C THR B 451 32.93 -12.15 -16.77
N GLY B 452 32.52 -13.41 -16.67
CA GLY B 452 32.97 -14.39 -17.64
C GLY B 452 32.10 -14.55 -18.87
N GLU B 453 32.36 -15.61 -19.63
CA GLU B 453 31.58 -15.91 -20.82
C GLU B 453 30.39 -16.75 -20.41
N GLY B 454 29.29 -16.64 -21.15
CA GLY B 454 28.12 -17.42 -20.85
C GLY B 454 27.31 -16.85 -19.70
N GLU B 455 27.20 -17.61 -18.61
CA GLU B 455 26.46 -17.16 -17.44
C GLU B 455 27.11 -17.69 -16.17
N ALA B 456 26.70 -17.11 -15.04
CA ALA B 456 27.22 -17.52 -13.74
C ALA B 456 26.56 -18.82 -13.31
N LYS B 457 27.38 -19.82 -13.01
CA LYS B 457 26.87 -21.13 -12.60
C LYS B 457 26.79 -21.22 -11.08
N ASP B 458 25.89 -22.07 -10.59
CA ASP B 458 25.71 -22.23 -9.15
C ASP B 458 26.96 -22.44 -8.32
N PRO B 459 27.87 -23.32 -8.74
CA PRO B 459 29.08 -23.51 -7.93
C PRO B 459 29.88 -22.21 -7.75
N GLU B 460 29.98 -21.43 -8.82
CA GLU B 460 30.72 -20.17 -8.79
C GLU B 460 30.06 -19.17 -7.85
N ILE B 461 28.74 -19.13 -7.89
CA ILE B 461 27.99 -18.24 -7.03
C ILE B 461 28.18 -18.61 -5.56
N LEU B 462 28.05 -19.90 -5.24
CA LEU B 462 28.20 -20.31 -3.86
C LEU B 462 29.62 -20.06 -3.38
N ASP B 463 30.58 -20.15 -4.29
CA ASP B 463 31.97 -19.91 -3.92
C ASP B 463 32.11 -18.44 -3.52
N LEU B 464 31.53 -17.55 -4.31
CA LEU B 464 31.61 -16.13 -4.01
C LEU B 464 30.95 -15.87 -2.65
N VAL B 465 29.78 -16.46 -2.42
CA VAL B 465 29.09 -16.26 -1.16
C VAL B 465 29.91 -16.77 0.02
N SER B 466 30.61 -17.88 -0.15
CA SER B 466 31.41 -18.42 0.95
C SER B 466 32.57 -17.47 1.27
N ARG B 467 33.11 -16.81 0.25
CA ARG B 467 34.20 -15.87 0.46
C ARG B 467 33.67 -14.66 1.22
N VAL B 468 32.47 -14.20 0.86
CA VAL B 468 31.87 -13.07 1.55
C VAL B 468 31.63 -13.46 3.02
N ALA B 469 31.15 -14.69 3.22
CA ALA B 469 30.84 -15.20 4.54
C ALA B 469 32.07 -15.34 5.45
N SER B 470 33.24 -15.42 4.86
CA SER B 470 34.45 -15.56 5.66
C SER B 470 34.66 -14.33 6.55
N ARG B 471 34.00 -13.22 6.22
CA ARG B 471 34.12 -12.02 7.03
C ARG B 471 32.80 -11.37 7.40
N PHE B 472 31.81 -11.49 6.52
CA PHE B 472 30.52 -10.85 6.77
C PHE B 472 29.37 -11.83 6.94
N ARG B 473 28.34 -11.35 7.64
CA ARG B 473 27.12 -12.11 7.80
C ARG B 473 26.11 -11.78 6.70
N TRP B 474 25.94 -12.74 5.78
CA TRP B 474 24.85 -12.61 4.83
C TRP B 474 23.61 -13.33 5.36
N MET B 475 22.44 -12.85 4.89
CA MET B 475 21.18 -13.48 5.27
C MET B 475 20.19 -13.64 4.11
N HIS B 476 20.52 -12.99 2.98
CA HIS B 476 19.60 -12.90 1.86
C HIS B 476 20.37 -12.87 0.52
N LEU B 477 20.08 -13.89 -0.34
CA LEU B 477 20.65 -13.91 -1.69
C LEU B 477 19.57 -13.71 -2.77
N GLU B 478 19.89 -13.03 -3.86
CA GLU B 478 18.96 -12.89 -4.99
C GLU B 478 19.78 -13.05 -6.26
N LYS B 479 19.46 -14.04 -7.09
CA LYS B 479 20.18 -14.19 -8.35
C LYS B 479 19.71 -13.05 -9.25
N LEU B 480 20.58 -12.62 -10.15
CA LEU B 480 20.24 -11.56 -11.10
C LEU B 480 20.15 -12.27 -12.45
N GLN B 481 18.97 -12.25 -13.06
CA GLN B 481 18.78 -12.92 -14.33
C GLN B 481 18.25 -12.01 -15.42
N GLU B 482 18.55 -12.36 -16.66
CA GLU B 482 18.07 -11.61 -17.81
C GLU B 482 17.17 -12.57 -18.56
N PHE B 483 16.02 -12.08 -18.99
CA PHE B 483 15.08 -12.90 -19.74
C PHE B 483 14.88 -12.23 -21.10
N ASP B 484 15.20 -12.95 -22.18
CA ASP B 484 15.07 -12.41 -23.52
C ASP B 484 15.84 -11.09 -23.66
N GLY B 485 17.02 -11.03 -23.03
CA GLY B 485 17.84 -9.83 -23.12
C GLY B 485 17.52 -8.67 -22.20
N GLU B 486 16.49 -8.80 -21.37
CA GLU B 486 16.12 -7.73 -20.45
C GLU B 486 16.40 -8.15 -19.00
N PRO B 487 17.02 -7.27 -18.22
CA PRO B 487 17.33 -7.58 -16.82
C PRO B 487 16.08 -7.80 -15.98
N GLY B 488 16.06 -8.91 -15.24
CA GLY B 488 14.92 -9.21 -14.38
C GLY B 488 15.15 -8.62 -13.01
N PHE B 489 15.64 -7.37 -12.99
CA PHE B 489 15.92 -6.68 -11.74
C PHE B 489 16.10 -5.19 -12.02
N THR B 490 16.05 -4.40 -10.96
CA THR B 490 16.16 -2.95 -11.07
C THR B 490 17.47 -2.40 -10.52
N LYS B 491 17.73 -1.14 -10.83
CA LYS B 491 18.92 -0.47 -10.35
C LYS B 491 18.56 0.15 -9.00
N ALA B 492 19.57 0.63 -8.27
CA ALA B 492 19.33 1.24 -6.96
C ALA B 492 18.95 2.70 -7.17
N GLN B 493 18.41 3.35 -6.13
CA GLN B 493 18.05 4.76 -6.28
C GLN B 493 19.36 5.52 -6.27
N GLY B 494 19.50 6.44 -7.22
CA GLY B 494 20.71 7.23 -7.30
C GLY B 494 21.76 6.59 -8.17
N GLU B 495 21.47 5.41 -8.71
CA GLU B 495 22.41 4.70 -9.57
C GLU B 495 22.22 5.09 -11.03
N ASP B 496 23.30 5.54 -11.67
CA ASP B 496 23.20 5.92 -13.07
C ASP B 496 23.60 4.75 -13.95
PA NAP C . -0.69 14.27 -11.31
O1A NAP C . -0.73 14.70 -9.82
O2A NAP C . 0.29 14.87 -12.08
O5B NAP C . -2.06 14.53 -12.01
C5B NAP C . -3.40 13.99 -11.49
C4B NAP C . -4.58 14.89 -11.49
O4B NAP C . -4.38 15.80 -10.37
C3B NAP C . -4.61 15.77 -12.59
O3B NAP C . -4.84 15.32 -13.92
C2B NAP C . -5.52 16.87 -12.11
O2B NAP C . -6.97 16.33 -12.00
C1B NAP C . -4.98 17.07 -10.75
N9A NAP C . -3.88 18.05 -10.56
C8A NAP C . -2.54 17.83 -10.27
N7A NAP C . -1.83 18.90 -10.14
C5A NAP C . -2.71 19.91 -10.35
C6A NAP C . -2.56 21.33 -10.34
N6A NAP C . -1.40 21.87 -10.10
N1A NAP C . -3.68 22.12 -10.59
C2A NAP C . -4.90 21.53 -10.84
N3A NAP C . -5.13 20.20 -10.86
C4A NAP C . -3.98 19.42 -10.61
O3 NAP C . -0.75 12.80 -11.53
PN NAP C . -0.46 11.61 -12.54
O1N NAP C . -1.12 11.93 -13.81
O2N NAP C . -0.88 10.33 -11.95
O5D NAP C . 1.26 11.57 -12.89
C5D NAP C . 1.64 12.24 -13.87
C4D NAP C . 3.31 12.20 -13.67
O4D NAP C . 3.62 12.79 -12.50
C3D NAP C . 4.14 10.85 -13.50
O3D NAP C . 5.36 10.55 -14.09
C2D NAP C . 4.11 10.82 -11.94
O2D NAP C . 5.16 9.79 -11.32
C1D NAP C . 4.42 12.30 -11.61
N1N NAP C . 4.35 12.69 -10.17
C2N NAP C . 5.40 13.47 -9.61
C3N NAP C . 5.26 13.86 -8.25
C7N NAP C . 6.34 14.68 -7.64
O7N NAP C . 7.11 15.30 -8.37
N7N NAP C . 6.51 14.75 -6.32
C4N NAP C . 4.05 13.50 -7.33
C5N NAP C . 3.07 12.67 -8.13
C6N NAP C . 3.18 12.29 -9.45
P2B NAP C . -8.04 16.23 -13.18
O1X NAP C . -7.46 15.35 -14.19
O2X NAP C . -9.21 15.69 -12.51
O3X NAP C . -8.19 17.60 -13.65
C1 CIT D . 5.23 12.02 -4.38
O1 CIT D . 4.34 11.52 -3.74
O2 CIT D . 5.50 13.31 -4.15
C2 CIT D . 6.05 11.26 -5.44
C3 CIT D . 5.59 9.79 -5.74
O7 CIT D . 4.24 9.78 -6.23
C4 CIT D . 6.53 9.09 -6.79
C5 CIT D . 6.58 9.73 -8.17
O3 CIT D . 5.56 9.98 -8.76
O4 CIT D . 7.74 10.00 -8.73
C6 CIT D . 5.72 8.96 -4.47
O5 CIT D . 4.84 8.19 -4.14
O6 CIT D . 6.81 9.09 -3.70
PA NAP E . -13.42 -2.72 12.01
O1A NAP E . -13.93 -2.68 10.54
O2A NAP E . -13.79 -3.83 12.75
O5B NAP E . -13.91 -1.48 12.80
C5B NAP E . -13.67 -0.02 12.36
C4B NAP E . -14.79 0.93 12.46
O4B NAP E . -15.70 0.62 11.36
C3B NAP E . -15.61 0.73 13.59
O3B NAP E . -15.13 0.95 14.92
C2B NAP E . -16.89 1.41 13.22
O2B NAP E . -16.66 2.95 13.20
C1B NAP E . -17.06 0.93 11.85
N9A NAP E . -17.82 -0.33 11.61
C8A NAP E . -17.37 -1.59 11.22
N7A NAP E . -18.29 -2.48 11.10
C5A NAP E . -19.44 -1.81 11.43
C6A NAP E . -20.79 -2.23 11.47
N6A NAP E . -21.13 -3.46 11.18
N1A NAP E . -21.77 -1.30 11.85
C2A NAP E . -21.42 -0.02 12.15
N3A NAP E . -20.15 0.46 12.12
C4A NAP E . -19.18 -0.50 11.75
O3 NAP E . -11.98 -2.38 12.17
PN NAP E . -10.70 -2.48 13.11
O1N NAP E . -11.05 -1.95 14.41
O2N NAP E . -9.57 -1.81 12.46
O5D NAP E . -10.30 -4.18 13.36
C5D NAP E . -10.87 -4.73 14.33
C4D NAP E . -10.51 -6.35 14.02
O4D NAP E . -11.09 -6.71 12.86
C3D NAP E . -9.03 -6.89 13.75
O3D NAP E . -8.45 -8.03 14.23
C2D NAP E . -9.08 -6.76 12.18
O2D NAP E . -7.90 -7.55 11.46
C1D NAP E . -10.49 -7.35 11.90
N1N NAP E . -10.97 -7.29 10.48
C2N NAP E . -11.56 -8.44 9.91
C3N NAP E . -12.04 -8.32 8.57
C7N NAP E . -12.66 -9.51 7.94
O7N NAP E . -13.06 -10.42 8.66
N7N NAP E . -12.81 -9.61 6.61
C4N NAP E . -11.96 -7.02 7.71
C5N NAP E . -11.30 -5.92 8.52
C6N NAP E . -10.83 -6.03 9.81
P2B NAP E . -16.70 3.93 14.43
O1X NAP E . -15.68 3.47 15.37
O2X NAP E . -16.45 5.22 13.83
O3X NAP E . -18.05 3.78 14.99
C1 CIT F . -10.46 -7.75 4.67
O1 CIT F . -10.20 -6.71 4.09
O2 CIT F . -11.65 -8.30 4.46
C2 CIT F . -9.47 -8.45 5.64
C3 CIT F . -8.11 -7.70 5.89
O7 CIT F . -8.35 -6.41 6.48
C4 CIT F . -7.17 -8.53 6.82
C5 CIT F . -7.67 -8.80 8.22
O3 CIT F . -8.03 -7.88 8.92
O4 CIT F . -7.72 -10.03 8.69
C6 CIT F . -7.36 -7.56 4.56
O5 CIT F . -6.82 -6.52 4.27
O6 CIT F . -7.31 -8.60 3.71
#